data_3N0W
#
_entry.id   3N0W
#
_cell.length_a   48.545
_cell.length_b   58.269
_cell.length_c   145.338
_cell.angle_alpha   90.000
_cell.angle_beta   98.960
_cell.angle_gamma   90.000
#
_symmetry.space_group_name_H-M   'P 1 21 1'
#
loop_
_entity.id
_entity.type
_entity.pdbx_description
1 polymer 'ABC branched chain amino acid family transporter, periplasmic ligand binding protein'
2 non-polymer 'NICKEL (II) ION'
3 water water
#
_entity_poly.entity_id   1
_entity_poly.type   'polypeptide(L)'
_entity_poly.pdbx_seq_one_letter_code
;GQSTGQVTLGVLTD(MSE)SSVYADSAGKGSVAAVQLAIEDVGGKALGQPVKLVSADYQ(MSE)KTDVALSIAREWFDRD
GVDAIFDVVNSGTALAINNLVKDKKKLAFITAAAADQIGGTECNGYGIGFLYNFTSIVKTVVQAQLAKGYKTWFL(MSE)
LPDAAYGDL(MSE)NAAIRRELTAGGGQIVGSVRFPFETQDFSSYLLQAKASGAQLIVSTSGGAANINI(MSE)KQAREF
GLPSKTQKVGG(MSE)IDILTDVKSAGLRV(MSE)QGQEYATSFYWN(MSE)DDRTRAFAKRFYAK(MSE)GK(MSE)PT
NNQAGGYSAALQYLKAVNAIGSKDPQKVFAYLKTIKFDDAVTRHGTLRPGGRLVRD(MSE)YLVRAKKPEDQKGDWDYYD
VVATIGPEQAFGPLSESRCA(MSE)DK
;
_entity_poly.pdbx_strand_id   A,B
#
loop_
_chem_comp.id
_chem_comp.type
_chem_comp.name
_chem_comp.formula
NI non-polymer 'NICKEL (II) ION' 'Ni 2'
#
# COMPACT_ATOMS: atom_id res chain seq x y z
N GLN A 6 -27.20 13.11 -10.80
CA GLN A 6 -26.96 12.69 -9.38
C GLN A 6 -26.67 11.19 -9.29
N VAL A 7 -25.80 10.81 -8.35
CA VAL A 7 -25.43 9.43 -8.13
C VAL A 7 -26.18 8.95 -6.88
N THR A 8 -26.89 7.85 -7.01
CA THR A 8 -27.59 7.25 -5.89
C THR A 8 -27.06 5.82 -5.69
N LEU A 9 -26.64 5.53 -4.44
CA LEU A 9 -26.14 4.21 -4.03
C LEU A 9 -27.18 3.50 -3.17
N GLY A 10 -27.28 2.21 -3.43
CA GLY A 10 -28.22 1.32 -2.73
C GLY A 10 -27.53 0.22 -1.98
N VAL A 11 -27.75 0.16 -0.67
CA VAL A 11 -27.26 -0.95 0.14
C VAL A 11 -28.39 -1.94 0.43
N LEU A 12 -28.27 -3.08 -0.24
CA LEU A 12 -29.27 -4.15 -0.23
C LEU A 12 -28.79 -5.31 0.63
N THR A 13 -29.36 -5.41 1.82
CA THR A 13 -28.79 -6.28 2.85
C THR A 13 -29.84 -6.91 3.77
N ASP A 14 -29.35 -7.56 4.81
N ASP A 14 -29.39 -7.62 4.80
CA ASP A 14 -30.16 -8.14 5.88
CA ASP A 14 -30.30 -8.09 5.84
C ASP A 14 -29.99 -7.31 7.15
C ASP A 14 -30.03 -7.32 7.11
N MSE A 15 -31.10 -6.80 7.71
CA MSE A 15 -31.03 -6.00 8.93
C MSE A 15 -31.88 -6.60 10.06
O MSE A 15 -32.03 -5.97 11.10
CB MSE A 15 -31.52 -4.59 8.63
CG MSE A 15 -30.74 -3.92 7.54
SE MSE A 15 -31.53 -2.15 7.25
CE MSE A 15 -30.32 -1.54 5.91
N SER A 16 -32.44 -7.77 9.85
CA SER A 16 -33.38 -8.34 10.79
C SER A 16 -33.06 -9.78 11.21
N SER A 17 -32.21 -10.46 10.45
CA SER A 17 -32.00 -11.89 10.59
C SER A 17 -30.52 -12.20 10.92
N VAL A 18 -30.04 -13.35 10.48
CA VAL A 18 -28.76 -13.90 10.99
C VAL A 18 -27.50 -13.21 10.42
N TYR A 19 -27.59 -12.46 9.32
CA TYR A 19 -26.45 -11.64 8.86
C TYR A 19 -26.50 -10.17 9.26
N ALA A 20 -27.50 -9.77 10.04
CA ALA A 20 -27.68 -8.36 10.42
C ALA A 20 -26.42 -7.75 11.05
N ASP A 21 -25.76 -8.48 11.94
CA ASP A 21 -24.58 -7.97 12.65
C ASP A 21 -23.29 -7.89 11.82
N SER A 22 -23.14 -8.78 10.84
CA SER A 22 -21.93 -8.83 10.05
C SER A 22 -22.02 -8.09 8.67
N ALA A 23 -23.24 -7.74 8.24
CA ALA A 23 -23.53 -6.85 7.12
C ALA A 23 -24.51 -5.75 7.62
N GLY A 24 -25.74 -5.69 7.12
CA GLY A 24 -26.80 -4.85 7.74
C GLY A 24 -26.53 -3.36 7.87
N LYS A 25 -26.88 -2.79 9.00
CA LYS A 25 -26.67 -1.38 9.23
C LYS A 25 -25.18 -1.01 9.19
N GLY A 26 -24.32 -1.96 9.57
CA GLY A 26 -22.88 -1.82 9.42
C GLY A 26 -22.41 -1.61 8.00
N SER A 27 -22.97 -2.34 7.04
CA SER A 27 -22.64 -2.12 5.62
C SER A 27 -23.06 -0.76 5.11
N VAL A 28 -24.18 -0.24 5.63
CA VAL A 28 -24.63 1.09 5.31
C VAL A 28 -23.62 2.08 5.84
N ALA A 29 -23.19 1.88 7.09
CA ALA A 29 -22.22 2.77 7.68
C ALA A 29 -20.87 2.79 6.87
N ALA A 30 -20.44 1.62 6.41
CA ALA A 30 -19.18 1.49 5.61
C ALA A 30 -19.31 2.29 4.30
N VAL A 31 -20.48 2.20 3.65
CA VAL A 31 -20.73 3.02 2.43
C VAL A 31 -20.80 4.49 2.73
N GLN A 32 -21.37 4.86 3.87
CA GLN A 32 -21.33 6.24 4.32
C GLN A 32 -19.91 6.81 4.43
N LEU A 33 -19.00 6.00 5.00
CA LEU A 33 -17.57 6.31 5.09
C LEU A 33 -16.86 6.49 3.72
N ALA A 34 -17.20 5.65 2.73
CA ALA A 34 -16.72 5.87 1.36
C ALA A 34 -17.25 7.20 0.75
N ILE A 35 -18.50 7.53 0.99
CA ILE A 35 -19.09 8.79 0.50
C ILE A 35 -18.30 9.93 1.12
N GLU A 36 -17.96 9.79 2.41
CA GLU A 36 -17.12 10.81 3.07
C GLU A 36 -15.76 10.94 2.41
N ASP A 37 -15.17 9.83 1.99
CA ASP A 37 -13.84 9.87 1.39
C ASP A 37 -13.78 10.48 -0.02
N VAL A 38 -14.92 10.77 -0.65
CA VAL A 38 -14.96 11.59 -1.87
C VAL A 38 -15.66 12.93 -1.63
N GLY A 39 -15.51 13.46 -0.43
CA GLY A 39 -16.08 14.78 -0.10
C GLY A 39 -17.59 14.85 -0.17
N GLY A 40 -18.23 13.70 -0.07
CA GLY A 40 -19.70 13.64 -0.10
C GLY A 40 -20.34 13.81 -1.47
N LYS A 41 -19.54 13.98 -2.52
CA LYS A 41 -20.05 14.37 -3.83
C LYS A 41 -19.59 13.53 -5.02
N ALA A 42 -20.46 13.41 -6.01
CA ALA A 42 -20.14 12.80 -7.28
C ALA A 42 -20.82 13.61 -8.36
N LEU A 43 -20.08 13.84 -9.44
CA LEU A 43 -20.53 14.68 -10.52
C LEU A 43 -21.00 16.07 -10.02
N GLY A 44 -20.32 16.58 -9.00
CA GLY A 44 -20.65 17.87 -8.38
C GLY A 44 -21.93 17.97 -7.54
N GLN A 45 -22.58 16.85 -7.28
CA GLN A 45 -23.81 16.84 -6.50
C GLN A 45 -23.66 15.91 -5.32
N PRO A 46 -24.44 16.12 -4.23
CA PRO A 46 -24.40 15.17 -3.11
C PRO A 46 -24.66 13.73 -3.58
N VAL A 47 -24.01 12.76 -2.96
CA VAL A 47 -24.28 11.35 -3.28
C VAL A 47 -25.50 10.93 -2.45
N LYS A 48 -26.50 10.33 -3.07
CA LYS A 48 -27.67 9.81 -2.34
C LYS A 48 -27.47 8.38 -1.94
N LEU A 49 -27.94 8.02 -0.75
CA LEU A 49 -27.81 6.67 -0.23
C LEU A 49 -29.14 6.13 0.29
N VAL A 50 -29.53 4.97 -0.22
CA VAL A 50 -30.73 4.31 0.22
C VAL A 50 -30.37 2.93 0.67
N SER A 51 -31.15 2.38 1.57
CA SER A 51 -30.90 0.99 1.97
C SER A 51 -32.19 0.27 2.27
N ALA A 52 -32.11 -1.06 2.22
CA ALA A 52 -33.28 -1.88 2.45
C ALA A 52 -32.91 -3.26 2.97
N ASP A 53 -33.87 -3.85 3.69
CA ASP A 53 -33.80 -5.20 4.28
C ASP A 53 -34.69 -6.13 3.47
N TYR A 54 -34.07 -7.06 2.74
CA TYR A 54 -34.82 -8.06 2.00
C TYR A 54 -35.08 -9.34 2.78
N GLN A 55 -34.64 -9.40 4.03
CA GLN A 55 -34.93 -10.52 4.93
C GLN A 55 -34.50 -11.87 4.37
N MSE A 56 -33.38 -11.86 3.65
N MSE A 56 -33.38 -11.89 3.65
CA MSE A 56 -32.80 -13.06 3.02
CA MSE A 56 -32.82 -13.12 3.08
C MSE A 56 -33.81 -13.82 2.16
C MSE A 56 -33.70 -13.81 2.03
O MSE A 56 -33.81 -15.06 2.13
O MSE A 56 -33.48 -14.98 1.69
CB MSE A 56 -32.18 -13.94 4.09
CB MSE A 56 -32.49 -14.12 4.22
CG MSE A 56 -31.22 -13.18 5.02
CG MSE A 56 -31.47 -13.56 5.18
SE MSE A 56 -30.54 -14.39 6.36
SE MSE A 56 -29.72 -13.60 4.34
CE MSE A 56 -29.82 -15.75 5.15
CE MSE A 56 -29.49 -15.53 4.39
N LYS A 57 -34.65 -13.05 1.48
CA LYS A 57 -35.59 -13.54 0.48
C LYS A 57 -35.22 -12.95 -0.88
N THR A 58 -34.78 -13.82 -1.79
CA THR A 58 -34.36 -13.37 -3.11
C THR A 58 -35.43 -12.61 -3.87
N ASP A 59 -36.70 -13.09 -3.84
CA ASP A 59 -37.79 -12.36 -4.51
C ASP A 59 -37.99 -10.94 -4.01
N VAL A 60 -37.85 -10.77 -2.69
CA VAL A 60 -37.94 -9.44 -2.10
C VAL A 60 -36.76 -8.56 -2.56
N ALA A 61 -35.54 -9.13 -2.61
CA ALA A 61 -34.37 -8.37 -3.06
C ALA A 61 -34.55 -7.90 -4.52
N LEU A 62 -35.11 -8.77 -5.37
CA LEU A 62 -35.33 -8.38 -6.76
C LEU A 62 -36.40 -7.27 -6.93
N SER A 63 -37.50 -7.37 -6.18
CA SER A 63 -38.58 -6.37 -6.22
C SER A 63 -38.07 -5.03 -5.67
N ILE A 64 -37.32 -5.07 -4.56
CA ILE A 64 -36.67 -3.87 -4.01
C ILE A 64 -35.73 -3.26 -5.07
N ALA A 65 -34.85 -4.06 -5.66
CA ALA A 65 -33.85 -3.54 -6.62
C ALA A 65 -34.48 -2.95 -7.88
N ARG A 66 -35.52 -3.62 -8.36
CA ARG A 66 -36.27 -3.20 -9.55
C ARG A 66 -36.83 -1.82 -9.36
N GLU A 67 -37.52 -1.63 -8.25
CA GLU A 67 -38.12 -0.33 -8.00
C GLU A 67 -37.03 0.72 -7.80
N TRP A 68 -35.99 0.38 -7.03
CA TRP A 68 -34.83 1.25 -6.88
C TRP A 68 -34.31 1.82 -8.22
N PHE A 69 -34.10 0.94 -9.18
CA PHE A 69 -33.52 1.32 -10.49
C PHE A 69 -34.55 2.15 -11.27
N ASP A 70 -35.81 1.72 -11.22
CA ASP A 70 -36.87 2.32 -12.04
C ASP A 70 -37.48 3.60 -11.44
N ARG A 71 -37.64 3.69 -10.14
CA ARG A 71 -38.27 4.85 -9.50
C ARG A 71 -37.34 5.77 -8.72
N ASP A 72 -36.35 5.21 -8.02
N ASP A 72 -36.37 5.20 -8.01
CA ASP A 72 -35.53 5.99 -7.10
CA ASP A 72 -35.53 5.98 -7.09
C ASP A 72 -34.15 6.36 -7.69
C ASP A 72 -34.29 6.58 -7.78
N GLY A 73 -33.96 6.08 -8.98
CA GLY A 73 -32.73 6.47 -9.69
C GLY A 73 -31.43 5.83 -9.22
N VAL A 74 -31.51 4.68 -8.56
CA VAL A 74 -30.32 4.00 -8.01
C VAL A 74 -29.39 3.56 -9.16
N ASP A 75 -28.11 3.90 -9.06
CA ASP A 75 -27.11 3.61 -10.09
C ASP A 75 -26.27 2.37 -9.80
N ALA A 76 -25.94 2.15 -8.52
CA ALA A 76 -25.10 1.00 -8.14
C ALA A 76 -25.60 0.45 -6.83
N ILE A 77 -25.61 -0.86 -6.71
N ILE A 77 -25.58 -0.87 -6.73
CA ILE A 77 -25.93 -1.47 -5.43
CA ILE A 77 -25.96 -1.63 -5.55
C ILE A 77 -24.76 -2.25 -4.82
C ILE A 77 -24.73 -2.24 -4.84
N PHE A 78 -24.82 -2.34 -3.51
CA PHE A 78 -23.74 -2.91 -2.70
C PHE A 78 -24.28 -3.93 -1.68
N ASP A 79 -23.36 -4.82 -1.26
CA ASP A 79 -23.52 -5.82 -0.19
C ASP A 79 -24.07 -7.14 -0.80
N VAL A 80 -25.34 -7.42 -0.55
CA VAL A 80 -26.03 -8.67 -0.98
C VAL A 80 -25.40 -9.84 -0.18
N VAL A 81 -25.97 -10.25 0.94
N VAL A 81 -26.02 -10.19 0.95
CA VAL A 81 -25.35 -11.25 1.83
CA VAL A 81 -25.49 -11.08 2.00
C VAL A 81 -25.62 -12.76 1.61
C VAL A 81 -25.68 -12.59 1.89
N ASN A 82 -26.40 -13.09 0.60
N ASN A 82 -25.87 -13.12 0.68
CA ASN A 82 -26.71 -14.49 0.30
CA ASN A 82 -26.23 -14.52 0.50
C ASN A 82 -26.12 -14.78 -1.07
C ASN A 82 -26.09 -14.82 -0.96
N SER A 83 -25.31 -15.85 -1.26
CA SER A 83 -24.92 -16.20 -2.65
C SER A 83 -26.03 -16.40 -3.68
N GLY A 84 -27.09 -17.13 -3.31
CA GLY A 84 -28.25 -17.25 -4.16
C GLY A 84 -28.84 -15.93 -4.59
N THR A 85 -29.12 -15.05 -3.62
CA THR A 85 -29.60 -13.74 -3.92
C THR A 85 -28.59 -13.01 -4.84
N ALA A 86 -27.29 -13.16 -4.58
CA ALA A 86 -26.24 -12.48 -5.39
C ALA A 86 -26.28 -12.90 -6.85
N LEU A 87 -26.49 -14.19 -7.12
CA LEU A 87 -26.65 -14.68 -8.51
C LEU A 87 -27.90 -14.11 -9.22
N ALA A 88 -28.96 -13.89 -8.45
CA ALA A 88 -30.20 -13.35 -8.99
C ALA A 88 -30.04 -11.87 -9.31
N ILE A 89 -29.43 -11.16 -8.39
CA ILE A 89 -29.10 -9.78 -8.61
C ILE A 89 -28.10 -9.62 -9.77
N ASN A 90 -27.11 -10.50 -9.84
CA ASN A 90 -26.19 -10.54 -11.00
C ASN A 90 -26.93 -10.59 -12.37
N ASN A 91 -27.97 -11.41 -12.44
N ASN A 91 -27.94 -11.44 -12.47
CA ASN A 91 -28.75 -11.51 -13.66
CA ASN A 91 -28.79 -11.51 -13.67
C ASN A 91 -29.66 -10.31 -13.91
C ASN A 91 -29.55 -10.20 -13.90
N LEU A 92 -30.13 -9.64 -12.86
CA LEU A 92 -30.97 -8.43 -13.02
C LEU A 92 -30.21 -7.22 -13.55
N VAL A 93 -28.98 -7.03 -13.06
CA VAL A 93 -28.20 -5.86 -13.40
C VAL A 93 -27.68 -5.94 -14.83
N LYS A 94 -27.54 -7.16 -15.34
CA LYS A 94 -27.28 -7.33 -16.76
C LYS A 94 -28.46 -6.76 -17.56
N ASP A 95 -29.67 -7.17 -17.18
N ASP A 95 -29.68 -7.15 -17.21
CA ASP A 95 -30.89 -6.78 -17.87
CA ASP A 95 -30.85 -6.72 -17.94
C ASP A 95 -31.12 -5.26 -17.78
C ASP A 95 -31.05 -5.21 -17.81
N LYS A 96 -30.97 -4.71 -16.57
CA LYS A 96 -31.22 -3.28 -16.31
C LYS A 96 -30.06 -2.34 -16.64
N LYS A 97 -28.88 -2.91 -16.85
N LYS A 97 -28.87 -2.88 -16.92
CA LYS A 97 -27.66 -2.14 -17.20
CA LYS A 97 -27.67 -2.08 -17.24
C LYS A 97 -27.27 -1.21 -16.06
C LYS A 97 -27.27 -1.20 -16.06
N LYS A 98 -27.06 -1.83 -14.90
CA LYS A 98 -26.62 -1.13 -13.70
C LYS A 98 -25.47 -1.93 -13.10
N LEU A 99 -24.70 -1.32 -12.20
CA LEU A 99 -23.61 -2.09 -11.58
C LEU A 99 -24.09 -2.62 -10.23
N ALA A 100 -23.68 -3.86 -9.91
CA ALA A 100 -23.86 -4.44 -8.60
C ALA A 100 -22.49 -4.90 -8.06
N PHE A 101 -22.10 -4.34 -6.93
CA PHE A 101 -20.87 -4.78 -6.28
C PHE A 101 -21.22 -5.72 -5.17
N ILE A 102 -20.99 -6.99 -5.44
CA ILE A 102 -21.29 -8.05 -4.48
C ILE A 102 -20.13 -8.15 -3.48
N THR A 103 -20.40 -7.62 -2.28
CA THR A 103 -19.38 -7.47 -1.29
C THR A 103 -19.70 -8.27 -0.03
N ALA A 104 -20.81 -9.03 -0.01
CA ALA A 104 -21.16 -9.82 1.14
C ALA A 104 -21.47 -11.30 0.80
N ALA A 105 -21.07 -11.75 -0.40
CA ALA A 105 -21.25 -13.15 -0.83
C ALA A 105 -20.06 -13.56 -1.68
N ALA A 106 -19.68 -14.83 -1.55
CA ALA A 106 -18.42 -15.33 -2.09
C ALA A 106 -18.54 -16.19 -3.34
N ALA A 107 -19.73 -16.27 -3.92
CA ALA A 107 -19.94 -17.19 -5.07
C ALA A 107 -18.96 -16.90 -6.21
N ASP A 108 -18.26 -17.95 -6.68
CA ASP A 108 -17.26 -17.82 -7.73
C ASP A 108 -17.91 -17.32 -9.04
N GLN A 109 -19.21 -17.61 -9.20
CA GLN A 109 -19.93 -17.29 -10.45
C GLN A 109 -19.97 -15.80 -10.78
N ILE A 110 -19.92 -14.98 -9.73
CA ILE A 110 -19.83 -13.57 -9.87
C ILE A 110 -18.43 -13.24 -10.37
N GLY A 111 -18.37 -12.73 -11.60
CA GLY A 111 -17.09 -12.43 -12.25
C GLY A 111 -16.37 -13.68 -12.72
N GLY A 112 -17.10 -14.78 -12.70
CA GLY A 112 -16.60 -16.11 -13.11
C GLY A 112 -17.49 -16.59 -14.22
N THR A 113 -18.08 -17.77 -14.05
CA THR A 113 -18.90 -18.34 -15.12
C THR A 113 -20.07 -17.45 -15.54
N GLU A 114 -20.61 -16.64 -14.60
N GLU A 114 -20.62 -16.65 -14.62
CA GLU A 114 -21.77 -15.79 -14.93
CA GLU A 114 -21.77 -15.82 -14.97
C GLU A 114 -21.40 -14.33 -15.17
C GLU A 114 -21.38 -14.34 -15.11
N CYS A 115 -20.17 -14.08 -15.60
CA CYS A 115 -19.67 -12.72 -15.80
C CYS A 115 -20.48 -12.02 -16.84
N ASN A 116 -20.68 -10.73 -16.67
CA ASN A 116 -21.45 -10.03 -17.66
C ASN A 116 -21.10 -8.58 -17.91
N GLY A 117 -20.14 -8.03 -17.17
CA GLY A 117 -19.79 -6.64 -17.28
C GLY A 117 -20.55 -5.72 -16.32
N TYR A 118 -21.47 -6.26 -15.54
CA TYR A 118 -22.34 -5.46 -14.66
C TYR A 118 -22.31 -5.93 -13.18
N GLY A 119 -22.36 -7.26 -12.96
CA GLY A 119 -22.11 -7.87 -11.65
C GLY A 119 -20.61 -7.92 -11.37
N ILE A 120 -20.21 -7.28 -10.29
CA ILE A 120 -18.79 -7.22 -9.93
C ILE A 120 -18.57 -7.94 -8.61
N GLY A 121 -17.58 -8.84 -8.56
CA GLY A 121 -17.23 -9.48 -7.28
C GLY A 121 -16.13 -8.71 -6.56
N PHE A 122 -16.47 -8.01 -5.47
CA PHE A 122 -15.48 -7.14 -4.84
C PHE A 122 -15.16 -7.44 -3.34
N LEU A 123 -15.44 -8.68 -2.89
CA LEU A 123 -15.04 -9.20 -1.56
C LEU A 123 -13.89 -10.22 -1.82
N TYR A 124 -14.27 -11.46 -2.08
CA TYR A 124 -13.34 -12.55 -2.38
C TYR A 124 -14.27 -13.63 -2.91
N ASN A 125 -13.71 -14.70 -3.49
CA ASN A 125 -14.55 -15.80 -3.87
C ASN A 125 -14.15 -17.03 -3.06
N PHE A 126 -15.00 -18.06 -3.13
CA PHE A 126 -14.71 -19.30 -2.43
C PHE A 126 -13.40 -19.90 -2.90
N THR A 127 -13.11 -19.84 -4.20
CA THR A 127 -11.83 -20.36 -4.71
C THR A 127 -10.62 -19.68 -4.01
N SER A 128 -10.72 -18.37 -3.73
CA SER A 128 -9.57 -17.69 -3.17
C SER A 128 -9.40 -18.08 -1.70
N ILE A 129 -10.51 -18.42 -0.98
CA ILE A 129 -10.43 -18.85 0.42
C ILE A 129 -9.60 -20.15 0.45
N VAL A 130 -9.93 -21.05 -0.47
CA VAL A 130 -9.30 -22.38 -0.53
C VAL A 130 -7.85 -22.23 -0.95
N LYS A 131 -7.58 -21.42 -1.98
CA LYS A 131 -6.16 -21.26 -2.46
C LYS A 131 -5.27 -20.70 -1.34
N THR A 132 -5.82 -19.78 -0.56
CA THR A 132 -5.09 -19.12 0.47
C THR A 132 -4.76 -20.11 1.63
N VAL A 133 -5.75 -20.88 2.09
CA VAL A 133 -5.51 -21.86 3.18
C VAL A 133 -4.56 -22.95 2.68
N VAL A 134 -4.79 -23.47 1.46
CA VAL A 134 -3.83 -24.44 0.89
C VAL A 134 -2.39 -23.94 0.86
N GLN A 135 -2.17 -22.81 0.22
CA GLN A 135 -0.81 -22.37 0.04
C GLN A 135 -0.11 -22.03 1.39
N ALA A 136 -0.84 -21.36 2.29
CA ALA A 136 -0.33 -20.95 3.59
C ALA A 136 -0.01 -22.21 4.45
N GLN A 137 -0.94 -23.16 4.49
CA GLN A 137 -0.73 -24.33 5.31
C GLN A 137 0.38 -25.23 4.72
N LEU A 138 0.42 -25.41 3.41
CA LEU A 138 1.49 -26.22 2.78
C LEU A 138 2.82 -25.58 3.08
N ALA A 139 2.89 -24.24 3.05
CA ALA A 139 4.15 -23.55 3.31
C ALA A 139 4.61 -23.75 4.76
N LYS A 140 3.65 -23.99 5.67
CA LYS A 140 3.93 -24.35 7.04
C LYS A 140 4.18 -25.85 7.26
N GLY A 141 4.08 -26.67 6.23
CA GLY A 141 4.42 -28.08 6.32
C GLY A 141 3.24 -28.99 6.58
N TYR A 142 2.02 -28.45 6.52
CA TYR A 142 0.80 -29.25 6.71
C TYR A 142 0.37 -29.83 5.38
N LYS A 143 0.89 -31.02 5.09
N LYS A 143 0.84 -31.03 5.08
CA LYS A 143 0.78 -31.68 3.80
CA LYS A 143 0.68 -31.61 3.76
C LYS A 143 -0.51 -32.50 3.70
C LYS A 143 -0.45 -32.64 3.64
N THR A 144 -0.80 -33.28 4.74
CA THR A 144 -1.92 -34.27 4.75
C THR A 144 -3.14 -33.72 5.50
N TRP A 145 -4.29 -33.69 4.83
CA TRP A 145 -5.55 -33.04 5.34
C TRP A 145 -6.72 -34.02 5.44
N PHE A 146 -7.58 -33.81 6.44
CA PHE A 146 -8.81 -34.53 6.63
C PHE A 146 -9.92 -33.52 6.63
N LEU A 147 -10.95 -33.72 5.80
CA LEU A 147 -12.03 -32.70 5.73
C LEU A 147 -13.30 -33.12 6.48
N MSE A 148 -13.85 -32.16 7.23
CA MSE A 148 -15.19 -32.24 7.80
C MSE A 148 -16.08 -31.15 7.12
O MSE A 148 -15.78 -29.93 7.12
CB MSE A 148 -15.17 -32.02 9.33
CG MSE A 148 -14.34 -33.07 10.06
SE MSE A 148 -14.14 -32.69 11.97
CE MSE A 148 -13.36 -31.22 11.86
N LEU A 149 -17.10 -31.64 6.43
CA LEU A 149 -17.94 -30.86 5.50
C LEU A 149 -19.43 -31.01 5.84
N PRO A 150 -20.20 -29.94 5.76
CA PRO A 150 -21.67 -30.14 5.91
C PRO A 150 -22.25 -30.84 4.69
N ASP A 151 -23.35 -31.53 4.85
CA ASP A 151 -24.03 -32.21 3.74
C ASP A 151 -24.39 -31.32 2.52
N ALA A 152 -24.61 -30.05 2.75
CA ALA A 152 -25.27 -29.19 1.80
C ALA A 152 -24.36 -28.76 0.65
N ALA A 153 -24.92 -27.96 -0.23
CA ALA A 153 -24.19 -27.50 -1.42
C ALA A 153 -22.89 -26.84 -1.06
N TYR A 154 -22.86 -26.05 0.01
CA TYR A 154 -21.57 -25.49 0.44
C TYR A 154 -20.51 -26.58 0.68
N GLY A 155 -20.85 -27.70 1.30
CA GLY A 155 -19.88 -28.78 1.45
C GLY A 155 -19.42 -29.40 0.14
N ASP A 156 -20.30 -29.51 -0.84
CA ASP A 156 -19.93 -30.05 -2.17
C ASP A 156 -18.90 -29.15 -2.89
N LEU A 157 -19.20 -27.86 -2.85
CA LEU A 157 -18.38 -26.84 -3.45
C LEU A 157 -16.98 -26.79 -2.81
N MSE A 158 -16.92 -26.82 -1.49
N MSE A 158 -16.95 -26.77 -1.48
CA MSE A 158 -15.62 -26.74 -0.80
CA MSE A 158 -15.71 -26.76 -0.70
C MSE A 158 -14.84 -28.02 -0.91
C MSE A 158 -14.88 -28.00 -0.95
O MSE A 158 -13.62 -28.00 -1.02
O MSE A 158 -13.67 -27.92 -1.16
CB MSE A 158 -15.81 -26.34 0.66
CB MSE A 158 -16.04 -26.71 0.79
CG MSE A 158 -16.44 -24.95 0.82
CG MSE A 158 -16.10 -25.30 1.36
SE MSE A 158 -15.28 -23.52 0.12
SE MSE A 158 -14.33 -24.51 1.31
CE MSE A 158 -14.32 -23.29 1.79
CE MSE A 158 -14.79 -22.62 1.58
N ASN A 159 -15.53 -29.16 -0.92
CA ASN A 159 -14.86 -30.44 -1.17
C ASN A 159 -14.10 -30.47 -2.53
N ALA A 160 -14.76 -30.10 -3.63
CA ALA A 160 -14.18 -30.08 -4.97
C ALA A 160 -13.05 -29.12 -5.02
N ALA A 161 -13.22 -27.93 -4.44
CA ALA A 161 -12.15 -26.90 -4.54
C ALA A 161 -10.92 -27.24 -3.74
N ILE A 162 -11.11 -27.70 -2.50
CA ILE A 162 -10.00 -28.15 -1.67
C ILE A 162 -9.22 -29.26 -2.32
N ARG A 163 -9.92 -30.27 -2.81
CA ARG A 163 -9.19 -31.38 -3.41
C ARG A 163 -8.35 -30.97 -4.65
N ARG A 164 -8.89 -30.10 -5.50
N ARG A 164 -8.95 -30.11 -5.49
CA ARG A 164 -8.15 -29.64 -6.69
CA ARG A 164 -8.34 -29.48 -6.67
C ARG A 164 -6.93 -28.79 -6.31
C ARG A 164 -7.03 -28.75 -6.35
N GLU A 165 -7.10 -27.85 -5.37
CA GLU A 165 -5.99 -26.97 -5.03
C GLU A 165 -4.92 -27.64 -4.22
N LEU A 166 -5.32 -28.49 -3.27
CA LEU A 166 -4.34 -29.22 -2.45
C LEU A 166 -3.44 -30.15 -3.32
N THR A 167 -4.05 -30.90 -4.23
CA THR A 167 -3.30 -31.74 -5.15
C THR A 167 -2.37 -30.89 -6.04
N ALA A 168 -2.88 -29.81 -6.62
CA ALA A 168 -2.05 -28.94 -7.47
C ALA A 168 -0.84 -28.39 -6.71
N GLY A 169 -0.98 -28.23 -5.39
CA GLY A 169 0.10 -27.78 -4.50
C GLY A 169 1.01 -28.84 -3.92
N GLY A 170 0.71 -30.11 -4.16
CA GLY A 170 1.56 -31.17 -3.69
C GLY A 170 1.14 -31.84 -2.38
N GLY A 171 0.03 -31.42 -1.78
CA GLY A 171 -0.49 -32.09 -0.59
C GLY A 171 -1.38 -33.26 -0.88
N GLN A 172 -2.03 -33.78 0.15
CA GLN A 172 -2.93 -34.92 -0.06
C GLN A 172 -4.04 -34.98 0.98
N ILE A 173 -5.25 -35.31 0.50
CA ILE A 173 -6.40 -35.57 1.33
C ILE A 173 -6.30 -37.00 1.83
N VAL A 174 -6.34 -37.19 3.14
CA VAL A 174 -6.24 -38.54 3.67
C VAL A 174 -7.60 -39.05 4.15
N GLY A 175 -8.62 -38.21 4.04
CA GLY A 175 -9.96 -38.59 4.41
C GLY A 175 -10.91 -37.43 4.46
N SER A 176 -12.18 -37.77 4.57
CA SER A 176 -13.26 -36.83 4.51
C SER A 176 -14.52 -37.39 5.18
N VAL A 177 -15.36 -36.49 5.71
N VAL A 177 -15.33 -36.53 5.80
CA VAL A 177 -16.62 -36.89 6.30
CA VAL A 177 -16.64 -36.98 6.30
C VAL A 177 -17.67 -35.80 6.06
C VAL A 177 -17.66 -35.84 6.14
N ARG A 178 -18.93 -36.18 5.94
CA ARG A 178 -20.01 -35.19 5.89
C ARG A 178 -20.93 -35.34 7.08
N PHE A 179 -21.35 -34.23 7.67
CA PHE A 179 -22.30 -34.28 8.80
C PHE A 179 -23.59 -33.58 8.43
N PRO A 180 -24.72 -34.09 8.98
CA PRO A 180 -26.03 -33.63 8.58
C PRO A 180 -26.45 -32.37 9.28
N PHE A 181 -27.47 -31.78 8.69
CA PHE A 181 -27.98 -30.52 9.09
C PHE A 181 -28.33 -30.59 10.60
N GLU A 182 -27.86 -29.61 11.33
CA GLU A 182 -28.19 -29.48 12.73
C GLU A 182 -27.54 -30.51 13.67
N THR A 183 -26.50 -31.23 13.21
CA THR A 183 -25.69 -32.05 14.10
C THR A 183 -25.31 -31.21 15.32
N GLN A 184 -25.41 -31.80 16.50
CA GLN A 184 -24.91 -31.23 17.74
C GLN A 184 -23.74 -32.03 18.35
N ASP A 185 -23.78 -33.36 18.19
CA ASP A 185 -22.74 -34.25 18.74
C ASP A 185 -21.77 -34.63 17.62
N PHE A 186 -20.55 -34.07 17.65
CA PHE A 186 -19.60 -34.34 16.56
C PHE A 186 -18.53 -35.38 16.87
N SER A 187 -18.77 -36.14 17.93
N SER A 187 -18.72 -36.18 17.92
CA SER A 187 -17.78 -37.10 18.44
CA SER A 187 -17.71 -37.16 18.36
C SER A 187 -17.37 -38.12 17.34
C SER A 187 -17.32 -38.15 17.26
N SER A 188 -18.34 -38.68 16.60
CA SER A 188 -18.03 -39.66 15.54
C SER A 188 -17.08 -39.05 14.48
N TYR A 189 -17.22 -37.77 14.18
CA TYR A 189 -16.47 -37.18 13.08
C TYR A 189 -15.05 -36.85 13.53
N LEU A 190 -14.95 -36.35 14.74
CA LEU A 190 -13.66 -36.09 15.34
C LEU A 190 -12.84 -37.35 15.54
N LEU A 191 -13.46 -38.45 15.96
CA LEU A 191 -12.74 -39.69 16.16
C LEU A 191 -12.14 -40.17 14.84
N GLN A 192 -12.90 -40.04 13.74
CA GLN A 192 -12.43 -40.43 12.41
C GLN A 192 -11.31 -39.55 11.95
N ALA A 193 -11.44 -38.26 12.22
CA ALA A 193 -10.36 -37.29 11.86
C ALA A 193 -9.06 -37.60 12.58
N LYS A 194 -9.15 -37.90 13.89
CA LYS A 194 -7.94 -38.26 14.62
C LYS A 194 -7.34 -39.57 14.07
N ALA A 195 -8.16 -40.58 13.83
CA ALA A 195 -7.64 -41.87 13.38
C ALA A 195 -6.96 -41.81 12.00
N SER A 196 -7.36 -40.84 11.15
CA SER A 196 -6.84 -40.67 9.80
C SER A 196 -5.35 -40.35 9.85
N GLY A 197 -4.91 -39.77 10.95
CA GLY A 197 -3.51 -39.36 11.10
C GLY A 197 -3.15 -38.10 10.33
N ALA A 198 -4.15 -37.37 9.82
CA ALA A 198 -3.86 -36.19 9.02
C ALA A 198 -3.16 -35.12 9.88
N GLN A 199 -2.21 -34.42 9.27
CA GLN A 199 -1.56 -33.32 9.96
C GLN A 199 -2.55 -32.22 10.25
N LEU A 200 -3.50 -31.99 9.33
CA LEU A 200 -4.46 -30.92 9.48
C LEU A 200 -5.90 -31.43 9.33
N ILE A 201 -6.72 -31.10 10.31
CA ILE A 201 -8.11 -31.52 10.38
C ILE A 201 -8.95 -30.30 10.14
N VAL A 202 -9.61 -30.25 8.99
CA VAL A 202 -10.21 -29.02 8.55
C VAL A 202 -11.71 -29.01 8.85
N SER A 203 -12.15 -28.11 9.73
CA SER A 203 -13.58 -27.88 9.94
C SER A 203 -13.97 -26.82 8.87
N THR A 204 -14.67 -27.25 7.83
CA THR A 204 -14.87 -26.36 6.67
C THR A 204 -15.98 -25.36 6.91
N SER A 205 -16.95 -25.64 7.77
CA SER A 205 -18.05 -24.69 7.92
C SER A 205 -17.81 -23.76 9.10
N GLY A 206 -18.72 -22.80 9.26
CA GLY A 206 -18.78 -21.91 10.44
C GLY A 206 -19.99 -22.18 11.31
N GLY A 207 -20.46 -21.15 12.01
CA GLY A 207 -21.67 -21.27 12.81
C GLY A 207 -21.54 -22.22 13.99
N ALA A 208 -22.69 -22.68 14.49
CA ALA A 208 -22.70 -23.49 15.68
C ALA A 208 -21.99 -24.82 15.44
N ALA A 209 -22.00 -25.28 14.18
CA ALA A 209 -21.30 -26.51 13.82
C ALA A 209 -19.80 -26.38 14.14
N ASN A 210 -19.17 -25.34 13.63
CA ASN A 210 -17.73 -25.15 13.86
C ASN A 210 -17.43 -24.93 15.34
N ILE A 211 -18.28 -24.16 16.03
CA ILE A 211 -18.12 -23.86 17.43
C ILE A 211 -18.16 -25.15 18.25
N ASN A 212 -19.12 -26.02 17.96
CA ASN A 212 -19.20 -27.27 18.69
C ASN A 212 -18.08 -28.23 18.27
N ILE A 213 -17.62 -28.16 17.03
CA ILE A 213 -16.49 -29.02 16.64
C ILE A 213 -15.23 -28.61 17.46
N MSE A 214 -14.96 -27.33 17.53
CA MSE A 214 -13.78 -26.85 18.28
C MSE A 214 -13.91 -27.17 19.76
O MSE A 214 -12.93 -27.59 20.39
CB MSE A 214 -13.58 -25.36 18.08
CG MSE A 214 -13.08 -24.93 16.72
SE MSE A 214 -11.27 -25.60 16.37
CE MSE A 214 -10.26 -24.63 17.66
N LYS A 215 -15.10 -27.01 20.35
CA LYS A 215 -15.30 -27.43 21.75
C LYS A 215 -14.98 -28.90 21.96
N GLN A 216 -15.47 -29.74 21.05
CA GLN A 216 -15.44 -31.15 21.25
C GLN A 216 -14.07 -31.72 20.86
N ALA A 217 -13.34 -31.02 20.00
CA ALA A 217 -12.00 -31.48 19.59
C ALA A 217 -11.07 -31.57 20.82
N ARG A 218 -11.28 -30.69 21.79
CA ARG A 218 -10.48 -30.67 23.00
C ARG A 218 -10.63 -31.95 23.82
N GLU A 219 -11.86 -32.46 23.96
CA GLU A 219 -12.05 -33.74 24.64
C GLU A 219 -11.22 -34.85 23.99
N PHE A 220 -10.86 -34.70 22.71
CA PHE A 220 -10.04 -35.70 22.02
C PHE A 220 -8.57 -35.30 21.90
N GLY A 221 -8.13 -34.35 22.73
CA GLY A 221 -6.69 -34.08 22.82
C GLY A 221 -6.14 -33.31 21.62
N LEU A 222 -7.04 -32.64 20.90
CA LEU A 222 -6.68 -31.89 19.71
C LEU A 222 -6.75 -30.41 20.06
N PRO A 223 -5.78 -29.60 19.59
CA PRO A 223 -4.62 -29.98 18.75
C PRO A 223 -3.64 -30.84 19.54
N SER A 224 -2.87 -31.70 18.86
CA SER A 224 -1.86 -32.55 19.50
C SER A 224 -0.50 -32.17 18.92
N LYS A 225 0.53 -32.92 19.27
CA LYS A 225 1.85 -32.70 18.68
C LYS A 225 1.90 -33.05 17.19
N THR A 226 0.97 -33.86 16.69
CA THR A 226 1.03 -34.36 15.32
C THR A 226 -0.17 -33.89 14.44
N GLN A 227 -1.20 -33.32 15.05
CA GLN A 227 -2.44 -32.93 14.36
C GLN A 227 -3.05 -31.62 14.89
N LYS A 228 -3.36 -30.74 13.95
CA LYS A 228 -3.92 -29.37 14.18
C LYS A 228 -5.34 -29.36 13.61
N VAL A 229 -6.20 -28.55 14.21
CA VAL A 229 -7.51 -28.32 13.64
C VAL A 229 -7.44 -26.98 12.84
N GLY A 230 -7.95 -27.02 11.62
CA GLY A 230 -7.92 -25.91 10.69
C GLY A 230 -9.32 -25.45 10.38
N GLY A 231 -9.42 -24.30 9.72
CA GLY A 231 -10.73 -23.72 9.34
C GLY A 231 -10.67 -23.23 7.91
N MSE A 232 -11.73 -22.56 7.49
CA MSE A 232 -11.81 -22.00 6.13
C MSE A 232 -12.11 -20.50 6.15
O MSE A 232 -11.20 -19.69 5.97
CB MSE A 232 -12.82 -22.75 5.28
CG MSE A 232 -12.31 -24.07 4.71
SE MSE A 232 -10.94 -23.71 3.31
CE MSE A 232 -9.82 -25.20 3.78
N ILE A 233 -13.36 -20.11 6.47
CA ILE A 233 -13.80 -18.74 6.27
C ILE A 233 -13.72 -18.00 7.58
N ASP A 234 -13.14 -16.81 7.54
CA ASP A 234 -13.18 -15.88 8.65
C ASP A 234 -14.60 -15.36 8.93
N ILE A 235 -15.17 -15.80 10.06
N ILE A 235 -15.21 -15.86 10.01
CA ILE A 235 -16.47 -15.33 10.56
CA ILE A 235 -16.48 -15.35 10.53
C ILE A 235 -16.24 -14.74 11.94
C ILE A 235 -16.20 -14.75 11.91
N LEU A 236 -15.93 -13.46 11.91
CA LEU A 236 -15.50 -12.77 13.08
C LEU A 236 -16.51 -12.85 14.20
N THR A 237 -17.80 -12.73 13.86
CA THR A 237 -18.88 -12.84 14.82
C THR A 237 -19.03 -14.22 15.48
N ASP A 238 -18.57 -15.30 14.82
CA ASP A 238 -18.46 -16.63 15.47
C ASP A 238 -17.44 -16.65 16.65
N VAL A 239 -16.27 -16.05 16.45
CA VAL A 239 -15.29 -15.91 17.55
C VAL A 239 -15.87 -15.06 18.69
N LYS A 240 -16.58 -14.00 18.33
CA LYS A 240 -17.23 -13.15 19.35
C LYS A 240 -18.18 -13.98 20.23
N SER A 241 -19.01 -14.81 19.59
CA SER A 241 -20.00 -15.65 20.32
C SER A 241 -19.33 -16.73 21.15
N ALA A 242 -18.46 -17.49 20.50
CA ALA A 242 -17.86 -18.66 21.11
C ALA A 242 -16.71 -18.35 22.11
N GLY A 243 -15.89 -17.33 21.85
CA GLY A 243 -14.78 -16.97 22.73
C GLY A 243 -13.47 -17.64 22.34
N LEU A 244 -12.38 -16.97 22.67
CA LEU A 244 -11.05 -17.49 22.29
C LEU A 244 -10.67 -18.72 23.08
N ARG A 245 -11.22 -18.89 24.29
CA ARG A 245 -10.99 -20.15 25.04
C ARG A 245 -11.30 -21.34 24.14
N VAL A 246 -12.40 -21.26 23.41
CA VAL A 246 -12.77 -22.32 22.48
C VAL A 246 -12.04 -22.27 21.13
N MSE A 247 -11.94 -21.07 20.52
CA MSE A 247 -11.47 -20.91 19.14
C MSE A 247 -9.93 -20.85 18.95
O MSE A 247 -9.43 -20.97 17.79
CB MSE A 247 -12.15 -19.70 18.51
CG MSE A 247 -13.69 -19.70 18.62
SE MSE A 247 -14.46 -21.33 17.68
CE MSE A 247 -14.88 -20.56 16.07
N GLN A 248 -9.18 -20.68 20.05
CA GLN A 248 -7.71 -20.44 19.96
C GLN A 248 -6.98 -21.44 19.06
N GLY A 249 -6.10 -20.94 18.19
CA GLY A 249 -5.33 -21.81 17.28
C GLY A 249 -5.94 -22.11 15.91
N GLN A 250 -7.26 -22.06 15.79
CA GLN A 250 -7.88 -22.22 14.50
C GLN A 250 -7.52 -21.07 13.55
N GLU A 251 -7.15 -21.44 12.33
CA GLU A 251 -6.83 -20.50 11.27
C GLU A 251 -7.81 -20.49 10.08
N TYR A 252 -7.96 -19.29 9.52
CA TYR A 252 -8.92 -19.01 8.46
C TYR A 252 -8.29 -18.06 7.43
N ALA A 253 -8.86 -18.05 6.24
CA ALA A 253 -8.54 -17.13 5.21
C ALA A 253 -9.51 -15.98 5.28
N THR A 254 -9.01 -14.80 4.94
CA THR A 254 -9.82 -13.58 4.93
C THR A 254 -9.23 -12.54 3.94
N SER A 255 -10.06 -11.56 3.61
CA SER A 255 -9.71 -10.46 2.75
C SER A 255 -9.39 -9.22 3.58
N PHE A 256 -9.72 -9.28 4.87
CA PHE A 256 -9.63 -8.09 5.69
C PHE A 256 -9.71 -8.40 7.16
N TYR A 257 -8.79 -7.81 7.92
CA TYR A 257 -8.91 -7.84 9.39
C TYR A 257 -8.64 -6.48 10.00
N TRP A 258 -9.55 -6.01 10.87
CA TRP A 258 -9.48 -4.66 11.40
C TRP A 258 -8.12 -4.29 12.03
N ASN A 259 -7.45 -5.23 12.66
CA ASN A 259 -6.18 -4.92 13.34
C ASN A 259 -4.93 -5.40 12.62
N MSE A 260 -4.99 -5.51 11.29
CA MSE A 260 -3.83 -5.92 10.51
C MSE A 260 -2.69 -4.86 10.55
O MSE A 260 -1.50 -5.22 10.71
CB MSE A 260 -4.18 -6.21 9.03
CG MSE A 260 -2.98 -6.79 8.28
SE MSE A 260 -3.36 -7.43 6.50
CE MSE A 260 -3.52 -5.80 5.51
N ASP A 261 -3.04 -3.61 10.33
CA ASP A 261 -2.01 -2.58 10.20
C ASP A 261 -2.60 -1.22 10.51
N ASP A 262 -1.78 -0.20 10.42
CA ASP A 262 -2.22 1.17 10.76
C ASP A 262 -3.39 1.64 9.90
N ARG A 263 -3.39 1.23 8.64
N ARG A 263 -3.39 1.25 8.63
CA ARG A 263 -4.40 1.65 7.68
CA ARG A 263 -4.44 1.66 7.70
C ARG A 263 -5.77 0.93 7.93
C ARG A 263 -5.76 0.98 8.10
N THR A 264 -5.72 -0.33 8.32
CA THR A 264 -6.96 -1.06 8.72
C THR A 264 -7.54 -0.48 10.02
N ARG A 265 -6.65 -0.22 10.99
CA ARG A 265 -7.04 0.36 12.28
C ARG A 265 -7.66 1.74 12.13
N ALA A 266 -7.14 2.61 11.24
CA ALA A 266 -7.73 3.95 11.04
C ALA A 266 -9.17 3.87 10.47
N PHE A 267 -9.35 3.05 9.45
CA PHE A 267 -10.68 2.76 8.91
C PHE A 267 -11.63 2.19 10.01
N ALA A 268 -11.12 1.24 10.79
CA ALA A 268 -11.89 0.61 11.85
C ALA A 268 -12.38 1.57 12.94
N LYS A 269 -11.55 2.54 13.29
CA LYS A 269 -11.89 3.56 14.28
C LYS A 269 -13.04 4.46 13.81
N ARG A 270 -13.01 4.85 12.53
CA ARG A 270 -14.12 5.60 11.91
C ARG A 270 -15.41 4.74 11.96
N PHE A 271 -15.25 3.46 11.68
CA PHE A 271 -16.40 2.59 11.65
C PHE A 271 -16.98 2.40 13.05
N TYR A 272 -16.10 2.14 13.99
CA TYR A 272 -16.53 1.98 15.39
C TYR A 272 -17.31 3.21 15.90
N ALA A 273 -16.82 4.40 15.56
CA ALA A 273 -17.53 5.64 15.94
C ALA A 273 -19.02 5.68 15.51
N LYS A 274 -19.34 4.98 14.41
CA LYS A 274 -20.71 4.92 13.89
C LYS A 274 -21.52 3.73 14.48
N MSE A 275 -20.83 2.59 14.63
CA MSE A 275 -21.48 1.31 14.91
C MSE A 275 -21.23 0.68 16.29
O MSE A 275 -21.96 -0.24 16.68
CB MSE A 275 -21.09 0.32 13.81
CG MSE A 275 -21.57 0.74 12.43
SE MSE A 275 -23.56 0.89 12.36
CE MSE A 275 -24.09 -0.82 13.04
N GLY A 276 -20.20 1.12 17.00
CA GLY A 276 -19.87 0.66 18.35
C GLY A 276 -19.30 -0.76 18.30
N LYS A 277 -18.74 -1.14 17.15
CA LYS A 277 -18.07 -2.45 16.98
C LYS A 277 -17.12 -2.36 15.82
N MSE A 278 -16.24 -3.36 15.69
CA MSE A 278 -15.27 -3.40 14.58
C MSE A 278 -15.92 -3.94 13.29
O MSE A 278 -16.85 -4.75 13.36
CB MSE A 278 -14.06 -4.30 14.94
CG MSE A 278 -13.21 -3.84 16.04
SE MSE A 278 -12.58 -1.99 15.82
CE MSE A 278 -11.86 -1.65 17.59
N PRO A 279 -15.42 -3.50 12.11
CA PRO A 279 -15.99 -3.91 10.84
C PRO A 279 -15.55 -5.31 10.47
N THR A 280 -16.48 -6.07 9.89
CA THR A 280 -16.17 -7.36 9.30
C THR A 280 -15.62 -7.17 7.89
N ASN A 281 -15.07 -8.22 7.33
CA ASN A 281 -14.57 -8.15 5.96
C ASN A 281 -15.62 -7.79 4.92
N ASN A 282 -16.89 -8.20 5.13
CA ASN A 282 -18.03 -7.80 4.25
C ASN A 282 -18.26 -6.32 4.29
N GLN A 283 -18.34 -5.78 5.50
CA GLN A 283 -18.61 -4.38 5.67
C GLN A 283 -17.41 -3.59 5.05
N ALA A 284 -16.18 -4.06 5.28
CA ALA A 284 -15.00 -3.44 4.69
C ALA A 284 -15.04 -3.49 3.15
N GLY A 285 -15.49 -4.62 2.61
CA GLY A 285 -15.62 -4.77 1.14
C GLY A 285 -16.57 -3.71 0.55
N GLY A 286 -17.68 -3.46 1.25
CA GLY A 286 -18.71 -2.47 0.83
C GLY A 286 -18.09 -1.07 0.77
N TYR A 287 -17.30 -0.77 1.79
CA TYR A 287 -16.53 0.48 1.80
C TYR A 287 -15.68 0.61 0.57
N SER A 288 -14.85 -0.40 0.32
CA SER A 288 -13.90 -0.35 -0.78
C SER A 288 -14.55 -0.30 -2.18
N ALA A 289 -15.60 -1.11 -2.41
CA ALA A 289 -16.36 -1.05 -3.66
C ALA A 289 -16.96 0.33 -3.89
N ALA A 290 -17.64 0.87 -2.89
CA ALA A 290 -18.27 2.16 -3.02
C ALA A 290 -17.24 3.30 -3.25
N LEU A 291 -16.12 3.24 -2.52
CA LEU A 291 -15.01 4.18 -2.69
C LEU A 291 -14.49 4.11 -4.13
N GLN A 292 -14.12 2.94 -4.63
CA GLN A 292 -13.59 2.86 -5.98
C GLN A 292 -14.64 3.20 -7.06
N TYR A 293 -15.92 2.91 -6.82
CA TYR A 293 -16.96 3.26 -7.76
C TYR A 293 -17.06 4.78 -7.86
N LEU A 294 -17.11 5.44 -6.72
CA LEU A 294 -17.27 6.89 -6.71
C LEU A 294 -16.06 7.61 -7.25
N LYS A 295 -14.87 7.15 -6.88
N LYS A 295 -14.86 7.14 -6.91
CA LYS A 295 -13.62 7.64 -7.47
CA LYS A 295 -13.64 7.68 -7.49
C LYS A 295 -13.60 7.49 -8.99
C LYS A 295 -13.58 7.48 -9.00
N ALA A 296 -14.14 6.38 -9.50
CA ALA A 296 -14.19 6.15 -10.97
C ALA A 296 -15.15 7.13 -11.68
N VAL A 297 -16.38 7.25 -11.18
CA VAL A 297 -17.33 8.23 -11.69
C VAL A 297 -16.76 9.62 -11.79
N ASN A 298 -16.17 10.06 -10.70
CA ASN A 298 -15.55 11.40 -10.65
C ASN A 298 -14.35 11.52 -11.61
N ALA A 299 -13.60 10.44 -11.78
CA ALA A 299 -12.39 10.46 -12.59
C ALA A 299 -12.70 10.59 -14.06
N ILE A 300 -13.74 9.87 -14.50
CA ILE A 300 -14.15 9.92 -15.89
C ILE A 300 -15.29 10.87 -16.13
N GLY A 301 -15.86 11.46 -15.09
CA GLY A 301 -16.95 12.41 -15.27
C GLY A 301 -18.24 11.84 -15.86
N SER A 302 -18.53 10.56 -15.57
CA SER A 302 -19.70 9.87 -16.06
C SER A 302 -20.10 8.75 -15.11
N LYS A 303 -21.42 8.49 -14.99
CA LYS A 303 -21.92 7.32 -14.25
C LYS A 303 -22.44 6.19 -15.17
N ASP A 304 -22.16 6.31 -16.46
CA ASP A 304 -22.40 5.28 -17.43
C ASP A 304 -21.63 4.02 -16.94
N PRO A 305 -22.37 2.96 -16.63
CA PRO A 305 -21.81 1.74 -16.07
C PRO A 305 -20.74 1.11 -16.94
N GLN A 306 -20.94 1.15 -18.24
CA GLN A 306 -19.97 0.54 -19.17
C GLN A 306 -18.64 1.32 -19.12
N LYS A 307 -18.73 2.63 -18.98
CA LYS A 307 -17.55 3.49 -18.91
C LYS A 307 -16.84 3.38 -17.55
N VAL A 308 -17.62 3.32 -16.47
CA VAL A 308 -17.07 3.03 -15.12
C VAL A 308 -16.39 1.66 -15.08
N PHE A 309 -17.03 0.63 -15.60
CA PHE A 309 -16.42 -0.70 -15.61
C PHE A 309 -15.09 -0.73 -16.36
N ALA A 310 -15.05 -0.17 -17.57
CA ALA A 310 -13.82 -0.10 -18.39
C ALA A 310 -12.69 0.58 -17.62
N TYR A 311 -13.02 1.69 -16.99
CA TYR A 311 -12.03 2.46 -16.27
C TYR A 311 -11.50 1.65 -15.06
N LEU A 312 -12.42 1.00 -14.34
CA LEU A 312 -12.04 0.23 -13.11
C LEU A 312 -11.04 -0.87 -13.47
N LYS A 313 -11.12 -1.39 -14.70
CA LYS A 313 -10.10 -2.35 -15.21
C LYS A 313 -8.69 -1.83 -15.50
N THR A 314 -8.47 -0.52 -15.38
CA THR A 314 -7.17 0.05 -15.66
C THR A 314 -6.43 0.50 -14.39
N ILE A 315 -7.07 0.36 -13.22
CA ILE A 315 -6.55 0.89 -11.93
C ILE A 315 -5.91 -0.19 -11.07
N LYS A 316 -4.84 0.15 -10.35
CA LYS A 316 -4.32 -0.72 -9.31
C LYS A 316 -4.94 -0.28 -8.02
N PHE A 317 -5.76 -1.12 -7.37
CA PHE A 317 -6.41 -0.72 -6.10
C PHE A 317 -5.50 -0.91 -4.87
N ASP A 318 -5.40 0.16 -4.09
CA ASP A 318 -4.55 0.21 -2.87
C ASP A 318 -5.28 1.16 -1.89
N ASP A 319 -6.38 0.72 -1.29
CA ASP A 319 -7.07 1.50 -0.22
C ASP A 319 -6.92 0.84 1.19
N ALA A 320 -7.62 1.32 2.19
CA ALA A 320 -7.49 0.76 3.55
C ALA A 320 -7.83 -0.74 3.64
N VAL A 321 -8.68 -1.19 2.72
CA VAL A 321 -9.23 -2.53 2.70
C VAL A 321 -8.63 -3.36 1.58
N THR A 322 -8.64 -2.84 0.34
CA THR A 322 -8.19 -3.63 -0.85
C THR A 322 -6.71 -3.38 -1.13
N ARG A 323 -5.90 -4.44 -1.12
CA ARG A 323 -4.48 -4.35 -1.26
C ARG A 323 -4.01 -5.21 -2.45
N HIS A 324 -3.10 -4.66 -3.25
CA HIS A 324 -2.69 -5.22 -4.56
C HIS A 324 -3.88 -5.68 -5.38
N GLY A 325 -4.94 -4.88 -5.40
CA GLY A 325 -6.15 -5.19 -6.13
C GLY A 325 -6.07 -4.78 -7.61
N THR A 326 -6.61 -5.63 -8.49
CA THR A 326 -6.94 -5.27 -9.88
C THR A 326 -8.26 -5.97 -10.24
N LEU A 327 -9.01 -5.36 -11.13
CA LEU A 327 -10.27 -5.90 -11.59
C LEU A 327 -10.03 -6.58 -12.91
N ARG A 328 -10.25 -7.88 -12.92
CA ARG A 328 -10.05 -8.64 -14.11
C ARG A 328 -11.12 -8.34 -15.15
N PRO A 329 -10.82 -8.68 -16.40
CA PRO A 329 -11.74 -8.30 -17.49
C PRO A 329 -13.17 -8.75 -17.24
N GLY A 330 -13.37 -9.90 -16.57
CA GLY A 330 -14.71 -10.46 -16.19
C GLY A 330 -15.42 -9.89 -14.95
N GLY A 331 -14.76 -9.03 -14.21
CA GLY A 331 -15.44 -8.36 -13.07
C GLY A 331 -15.12 -8.96 -11.69
N ARG A 332 -14.15 -9.88 -11.64
CA ARG A 332 -13.65 -10.41 -10.35
C ARG A 332 -12.47 -9.59 -9.87
N LEU A 333 -12.59 -8.95 -8.71
CA LEU A 333 -11.44 -8.38 -8.06
C LEU A 333 -10.47 -9.49 -7.61
N VAL A 334 -9.18 -9.33 -7.96
CA VAL A 334 -8.11 -10.14 -7.40
C VAL A 334 -7.27 -9.24 -6.48
N ARG A 335 -6.79 -9.80 -5.36
CA ARG A 335 -6.22 -9.02 -4.27
C ARG A 335 -5.38 -9.90 -3.36
N ASP A 336 -4.50 -9.28 -2.57
CA ASP A 336 -3.84 -9.98 -1.45
C ASP A 336 -4.93 -10.64 -0.54
N MSE A 337 -4.69 -11.89 -0.14
CA MSE A 337 -5.48 -12.52 0.91
C MSE A 337 -4.55 -12.93 2.08
O MSE A 337 -3.30 -12.92 1.97
CB MSE A 337 -6.24 -13.74 0.36
CG MSE A 337 -7.15 -13.49 -0.88
SE MSE A 337 -8.71 -12.56 -0.29
CE MSE A 337 -9.66 -14.09 0.48
N TYR A 338 -5.16 -13.18 3.24
CA TYR A 338 -4.47 -13.43 4.49
C TYR A 338 -4.96 -14.72 5.15
N LEU A 339 -4.00 -15.35 5.85
CA LEU A 339 -4.31 -16.36 6.87
C LEU A 339 -4.25 -15.71 8.22
N VAL A 340 -5.38 -15.79 8.95
CA VAL A 340 -5.51 -15.33 10.33
C VAL A 340 -5.65 -16.50 11.31
N ARG A 341 -4.98 -16.38 12.47
CA ARG A 341 -5.04 -17.35 13.56
C ARG A 341 -5.73 -16.84 14.82
N ALA A 342 -6.75 -17.55 15.32
CA ALA A 342 -7.37 -17.16 16.62
C ALA A 342 -6.35 -17.17 17.76
N LYS A 343 -6.30 -16.06 18.50
CA LYS A 343 -5.30 -15.86 19.54
C LYS A 343 -5.61 -16.71 20.76
N LYS A 344 -4.60 -16.95 21.60
CA LYS A 344 -4.83 -17.55 22.92
C LYS A 344 -5.60 -16.54 23.78
N PRO A 345 -6.56 -17.00 24.62
CA PRO A 345 -7.37 -16.08 25.41
C PRO A 345 -6.57 -15.14 26.29
N GLU A 346 -5.50 -15.62 26.90
N GLU A 346 -5.48 -15.66 26.86
CA GLU A 346 -4.69 -14.75 27.75
CA GLU A 346 -4.56 -14.88 27.71
C GLU A 346 -3.99 -13.62 26.96
C GLU A 346 -3.94 -13.68 26.97
N ASP A 347 -3.90 -13.74 25.64
CA ASP A 347 -3.32 -12.67 24.80
C ASP A 347 -4.30 -11.61 24.30
N GLN A 348 -5.59 -11.79 24.56
CA GLN A 348 -6.62 -10.86 24.10
C GLN A 348 -6.48 -9.59 24.93
N LYS A 349 -6.30 -8.45 24.28
CA LYS A 349 -6.09 -7.17 24.96
C LYS A 349 -7.32 -6.25 24.99
N GLY A 350 -8.34 -6.55 24.20
CA GLY A 350 -9.54 -5.74 24.16
C GLY A 350 -10.68 -6.45 23.45
N ASP A 351 -11.83 -5.79 23.38
CA ASP A 351 -12.94 -6.37 22.62
C ASP A 351 -12.43 -6.50 21.16
N TRP A 352 -12.85 -7.54 20.49
CA TRP A 352 -12.55 -7.75 19.09
C TRP A 352 -11.07 -8.09 18.74
N ASP A 353 -10.17 -8.17 19.72
CA ASP A 353 -8.76 -8.51 19.46
C ASP A 353 -8.62 -10.01 19.35
N TYR A 354 -9.00 -10.58 18.20
CA TYR A 354 -9.17 -12.03 18.04
C TYR A 354 -8.11 -12.74 17.22
N TYR A 355 -7.42 -12.03 16.33
CA TYR A 355 -6.50 -12.69 15.39
C TYR A 355 -5.12 -12.11 15.38
N ASP A 356 -4.17 -12.94 14.90
CA ASP A 356 -2.92 -12.48 14.32
C ASP A 356 -2.93 -12.88 12.84
N VAL A 357 -2.51 -11.97 11.98
CA VAL A 357 -2.18 -12.32 10.59
C VAL A 357 -0.86 -13.08 10.48
N VAL A 358 -0.92 -14.28 9.95
CA VAL A 358 0.23 -15.18 9.93
C VAL A 358 0.70 -15.56 8.53
N ALA A 359 -0.01 -15.14 7.48
CA ALA A 359 0.54 -15.31 6.14
C ALA A 359 -0.18 -14.37 5.21
N THR A 360 0.49 -14.00 4.12
CA THR A 360 -0.11 -13.12 3.12
C THR A 360 0.19 -13.81 1.81
N ILE A 361 -0.84 -14.09 1.01
CA ILE A 361 -0.73 -14.73 -0.31
C ILE A 361 -1.09 -13.69 -1.39
N GLY A 362 -0.19 -13.51 -2.36
CA GLY A 362 -0.38 -12.48 -3.44
C GLY A 362 -1.59 -12.73 -4.33
N PRO A 363 -2.07 -11.70 -5.07
CA PRO A 363 -3.29 -11.88 -5.89
C PRO A 363 -3.24 -13.02 -6.91
N GLU A 364 -2.15 -13.13 -7.65
CA GLU A 364 -2.06 -14.21 -8.68
C GLU A 364 -2.15 -15.61 -8.07
N GLN A 365 -1.49 -15.78 -6.93
N GLN A 365 -1.52 -15.79 -6.91
CA GLN A 365 -1.51 -17.01 -6.15
CA GLN A 365 -1.56 -17.05 -6.21
C GLN A 365 -2.87 -17.27 -5.47
C GLN A 365 -2.87 -17.29 -5.45
N ALA A 366 -3.45 -16.24 -4.87
CA ALA A 366 -4.72 -16.39 -4.15
C ALA A 366 -5.91 -16.60 -5.07
N PHE A 367 -5.90 -16.04 -6.29
CA PHE A 367 -7.01 -16.15 -7.19
C PHE A 367 -6.74 -17.01 -8.41
N GLY A 368 -5.47 -17.36 -8.67
CA GLY A 368 -5.11 -18.17 -9.81
C GLY A 368 -4.78 -17.30 -11.01
N PRO A 369 -4.04 -17.87 -11.98
CA PRO A 369 -3.74 -17.06 -13.16
C PRO A 369 -5.01 -16.80 -13.99
N LEU A 370 -4.91 -15.76 -14.81
CA LEU A 370 -5.98 -15.37 -15.68
C LEU A 370 -6.45 -16.55 -16.55
N SER A 371 -5.53 -17.44 -16.91
CA SER A 371 -5.88 -18.64 -17.68
C SER A 371 -6.76 -19.64 -16.93
N GLU A 372 -6.65 -19.70 -15.60
CA GLU A 372 -7.53 -20.56 -14.79
C GLU A 372 -8.94 -19.97 -14.63
N SER A 373 -9.18 -18.76 -15.13
CA SER A 373 -10.47 -18.13 -14.86
C SER A 373 -11.55 -18.88 -15.64
N ARG A 374 -12.73 -18.95 -15.05
CA ARG A 374 -13.87 -19.61 -15.67
C ARG A 374 -14.76 -18.59 -16.37
N CYS A 375 -14.31 -17.34 -16.48
CA CYS A 375 -15.03 -16.30 -17.21
C CYS A 375 -14.55 -16.19 -18.68
N ALA A 376 -15.49 -16.33 -19.62
CA ALA A 376 -15.22 -16.10 -21.06
C ALA A 376 -14.54 -14.75 -21.36
N MSE A 377 -14.92 -13.71 -20.64
CA MSE A 377 -14.34 -12.37 -20.88
C MSE A 377 -12.86 -12.27 -20.46
O MSE A 377 -12.18 -11.31 -20.86
CB MSE A 377 -15.15 -11.28 -20.17
CG MSE A 377 -16.64 -11.23 -20.54
SE MSE A 377 -17.73 -10.18 -19.24
CE MSE A 377 -17.09 -8.42 -19.69
N ASP A 378 -12.37 -13.23 -19.66
CA ASP A 378 -10.96 -13.23 -19.22
C ASP A 378 -10.00 -13.91 -20.21
N LYS A 379 -10.56 -14.61 -21.19
CA LYS A 379 -9.76 -15.25 -22.23
C LYS A 379 -9.75 -14.26 -23.40
N GLN B 6 12.36 8.31 28.57
CA GLN B 6 11.83 9.38 27.65
C GLN B 6 12.66 9.55 26.35
N VAL B 7 12.00 9.32 25.22
CA VAL B 7 12.57 9.47 23.90
C VAL B 7 12.63 10.96 23.56
N THR B 8 13.79 11.42 23.08
CA THR B 8 13.94 12.81 22.60
C THR B 8 14.44 12.81 21.15
N LEU B 9 13.70 13.49 20.28
CA LEU B 9 14.04 13.57 18.86
C LEU B 9 14.53 14.97 18.59
N GLY B 10 15.46 15.09 17.63
CA GLY B 10 16.06 16.35 17.23
C GLY B 10 16.15 16.51 15.73
N VAL B 11 15.65 17.65 15.23
CA VAL B 11 15.62 17.94 13.81
C VAL B 11 16.69 18.99 13.53
N LEU B 12 17.76 18.55 12.86
CA LEU B 12 18.97 19.38 12.63
C LEU B 12 19.02 19.85 11.19
N THR B 13 18.73 21.13 10.97
CA THR B 13 18.38 21.55 9.63
C THR B 13 18.78 22.98 9.28
N ASP B 14 18.35 23.43 8.11
CA ASP B 14 18.54 24.80 7.72
C ASP B 14 17.21 25.51 7.78
N MSE B 15 17.16 26.59 8.52
CA MSE B 15 15.96 27.42 8.66
C MSE B 15 16.18 28.88 8.21
O MSE B 15 15.31 29.72 8.44
CB MSE B 15 15.52 27.44 10.12
CG MSE B 15 15.27 26.07 10.68
SE MSE B 15 14.59 26.24 12.46
CE MSE B 15 14.15 24.37 12.80
N SER B 16 17.33 29.18 7.59
CA SER B 16 17.67 30.59 7.24
C SER B 16 18.16 30.83 5.81
N SER B 17 18.65 29.80 5.12
CA SER B 17 19.32 30.00 3.82
C SER B 17 18.58 29.29 2.70
N VAL B 18 19.36 28.75 1.75
CA VAL B 18 18.85 28.17 0.49
C VAL B 18 17.78 27.08 0.66
N TYR B 19 17.92 26.25 1.70
CA TYR B 19 17.12 25.05 1.87
C TYR B 19 16.17 25.13 3.08
N ALA B 20 15.75 26.34 3.45
CA ALA B 20 14.79 26.52 4.57
C ALA B 20 13.41 25.99 4.19
N ASP B 21 13.01 26.31 2.96
CA ASP B 21 11.64 26.10 2.54
C ASP B 21 11.37 24.66 2.18
N SER B 22 12.42 23.96 1.78
CA SER B 22 12.34 22.56 1.42
C SER B 22 12.81 21.63 2.56
N ALA B 23 13.37 22.20 3.63
CA ALA B 23 13.60 21.46 4.87
C ALA B 23 13.08 22.33 6.04
N GLY B 24 13.96 22.72 6.96
CA GLY B 24 13.64 23.80 7.89
C GLY B 24 12.45 23.54 8.78
N LYS B 25 11.57 24.54 8.93
CA LYS B 25 10.41 24.45 9.84
C LYS B 25 9.44 23.35 9.41
N GLY B 26 9.42 23.12 8.10
CA GLY B 26 8.64 22.08 7.47
C GLY B 26 9.07 20.71 7.95
N SER B 27 10.39 20.50 8.09
CA SER B 27 10.90 19.21 8.59
C SER B 27 10.52 18.97 10.06
N VAL B 28 10.52 20.05 10.84
CA VAL B 28 9.97 20.03 12.20
C VAL B 28 8.49 19.62 12.21
N ALA B 29 7.68 20.26 11.36
CA ALA B 29 6.26 19.90 11.23
C ALA B 29 6.08 18.40 10.89
N ALA B 30 6.95 17.89 10.02
CA ALA B 30 6.83 16.50 9.52
C ALA B 30 6.99 15.52 10.70
N VAL B 31 7.91 15.82 11.59
CA VAL B 31 8.23 14.97 12.72
C VAL B 31 7.13 15.09 13.80
N GLN B 32 6.58 16.30 14.01
CA GLN B 32 5.43 16.47 14.93
C GLN B 32 4.32 15.56 14.53
N LEU B 33 4.06 15.51 13.22
CA LEU B 33 3.00 14.66 12.72
C LEU B 33 3.32 13.17 13.00
N ALA B 34 4.56 12.78 12.82
CA ALA B 34 4.99 11.41 13.19
C ALA B 34 4.70 11.18 14.69
N ILE B 35 4.96 12.17 15.54
CA ILE B 35 4.66 12.04 16.95
C ILE B 35 3.17 11.89 17.26
N GLU B 36 2.31 12.64 16.54
CA GLU B 36 0.85 12.45 16.63
C GLU B 36 0.44 11.02 16.28
N ASP B 37 1.07 10.41 15.29
CA ASP B 37 0.66 9.09 14.82
C ASP B 37 1.02 7.96 15.77
N VAL B 38 1.84 8.23 16.80
CA VAL B 38 2.08 7.24 17.84
C VAL B 38 1.44 7.70 19.15
N GLY B 39 0.34 8.46 19.05
CA GLY B 39 -0.39 8.91 20.25
C GLY B 39 0.39 9.91 21.09
N GLY B 40 1.44 10.51 20.52
CA GLY B 40 2.29 11.47 21.24
C GLY B 40 3.26 10.87 22.27
N LYS B 41 3.32 9.53 22.36
CA LYS B 41 4.07 8.85 23.42
C LYS B 41 5.01 7.76 22.93
N ALA B 42 6.13 7.63 23.63
CA ALA B 42 7.02 6.48 23.44
C ALA B 42 7.43 5.97 24.82
N LEU B 43 7.53 4.65 24.95
CA LEU B 43 7.79 4.02 26.25
C LEU B 43 6.90 4.63 27.38
N GLY B 44 5.62 4.86 27.08
CA GLY B 44 4.66 5.35 28.08
C GLY B 44 4.76 6.81 28.51
N GLN B 45 5.66 7.58 27.88
CA GLN B 45 5.85 8.99 28.23
C GLN B 45 5.75 9.87 26.98
N PRO B 46 5.34 11.15 27.13
CA PRO B 46 5.38 12.05 25.96
C PRO B 46 6.75 12.08 25.25
N VAL B 47 6.73 12.18 23.93
CA VAL B 47 7.97 12.28 23.16
C VAL B 47 8.41 13.74 23.14
N LYS B 48 9.65 14.01 23.50
CA LYS B 48 10.21 15.38 23.43
C LYS B 48 10.77 15.59 22.04
N LEU B 49 10.56 16.79 21.51
CA LEU B 49 11.10 17.15 20.21
C LEU B 49 11.88 18.45 20.39
N VAL B 50 13.10 18.50 19.82
CA VAL B 50 13.91 19.72 19.73
C VAL B 50 14.35 19.92 18.27
N SER B 51 14.69 21.15 17.93
CA SER B 51 15.17 21.46 16.58
C SER B 51 16.15 22.61 16.60
N ALA B 52 16.93 22.73 15.53
CA ALA B 52 18.02 23.68 15.44
C ALA B 52 18.45 23.97 14.00
N ASP B 53 18.91 25.20 13.77
CA ASP B 53 19.45 25.67 12.51
C ASP B 53 20.96 25.66 12.64
N TYR B 54 21.67 24.90 11.80
CA TYR B 54 23.12 24.91 11.89
C TYR B 54 23.79 25.87 10.88
N GLN B 55 22.97 26.67 10.18
CA GLN B 55 23.47 27.71 9.25
C GLN B 55 24.33 27.16 8.12
N MSE B 56 24.10 25.89 7.79
CA MSE B 56 24.94 25.08 6.89
C MSE B 56 26.47 25.21 7.06
O MSE B 56 27.22 25.35 6.09
CB MSE B 56 24.48 25.24 5.46
CG MSE B 56 23.10 24.64 5.31
SE MSE B 56 22.32 25.08 3.63
CE MSE B 56 22.93 26.96 3.48
N LYS B 57 26.89 25.13 8.33
CA LYS B 57 28.27 24.94 8.71
C LYS B 57 28.39 23.58 9.42
N THR B 58 29.23 22.71 8.90
CA THR B 58 29.46 21.38 9.49
C THR B 58 29.90 21.44 10.98
N ASP B 59 30.90 22.27 11.30
CA ASP B 59 31.41 22.32 12.68
C ASP B 59 30.39 22.89 13.67
N VAL B 60 29.49 23.76 13.18
CA VAL B 60 28.32 24.23 13.96
C VAL B 60 27.26 23.11 14.13
N ALA B 61 27.03 22.33 13.08
CA ALA B 61 26.19 21.15 13.21
C ALA B 61 26.75 20.12 14.23
N LEU B 62 28.07 19.94 14.23
CA LEU B 62 28.71 18.95 15.13
C LEU B 62 28.61 19.40 16.60
N SER B 63 28.71 20.69 16.86
CA SER B 63 28.63 21.20 18.24
C SER B 63 27.23 21.17 18.81
N ILE B 64 26.24 21.51 17.99
CA ILE B 64 24.80 21.38 18.38
C ILE B 64 24.51 19.93 18.74
N ALA B 65 24.95 19.01 17.87
CA ALA B 65 24.72 17.58 18.04
C ALA B 65 25.42 17.00 19.27
N ARG B 66 26.66 17.40 19.50
CA ARG B 66 27.43 16.91 20.66
C ARG B 66 26.73 17.30 21.96
N GLU B 67 26.26 18.55 22.03
CA GLU B 67 25.48 19.00 23.18
C GLU B 67 24.17 18.25 23.33
N TRP B 68 23.42 18.13 22.22
CA TRP B 68 22.13 17.43 22.20
C TRP B 68 22.25 16.04 22.83
N PHE B 69 23.24 15.30 22.34
CA PHE B 69 23.50 13.94 22.85
C PHE B 69 24.02 13.90 24.30
N ASP B 70 25.06 14.69 24.61
CA ASP B 70 25.73 14.60 25.94
C ASP B 70 25.00 15.35 27.07
N ARG B 71 24.12 16.28 26.73
CA ARG B 71 23.48 17.15 27.70
C ARG B 71 21.94 17.17 27.67
N ASP B 72 21.34 17.22 26.47
N ASP B 72 21.35 17.24 26.47
CA ASP B 72 19.88 17.31 26.35
CA ASP B 72 19.89 17.31 26.30
C ASP B 72 19.17 15.94 26.26
C ASP B 72 19.18 15.95 26.29
N GLY B 73 19.93 14.85 26.34
CA GLY B 73 19.35 13.50 26.23
C GLY B 73 18.78 13.11 24.87
N VAL B 74 19.15 13.82 23.81
CA VAL B 74 18.64 13.53 22.47
C VAL B 74 19.03 12.13 22.00
N ASP B 75 18.04 11.37 21.58
CA ASP B 75 18.26 9.97 21.23
C ASP B 75 18.50 9.75 19.72
N ALA B 76 17.79 10.52 18.88
CA ALA B 76 17.87 10.37 17.40
C ALA B 76 17.75 11.71 16.67
N ILE B 77 18.60 11.89 15.66
CA ILE B 77 18.69 13.11 14.86
C ILE B 77 18.11 12.85 13.45
N PHE B 78 17.46 13.89 12.92
CA PHE B 78 16.71 13.83 11.65
C PHE B 78 17.07 15.05 10.81
N ASP B 79 16.94 14.84 9.49
CA ASP B 79 17.08 15.86 8.42
C ASP B 79 18.54 15.90 7.89
N VAL B 80 19.32 16.90 8.28
CA VAL B 80 20.64 17.22 7.67
C VAL B 80 20.59 17.56 6.16
N VAL B 81 20.72 18.84 5.87
CA VAL B 81 20.38 19.43 4.61
C VAL B 81 21.52 19.39 3.56
N ASN B 82 22.67 18.83 3.87
CA ASN B 82 23.82 18.93 2.93
C ASN B 82 24.81 17.78 3.12
N SER B 83 25.34 17.24 2.02
CA SER B 83 26.10 15.97 2.05
C SER B 83 27.37 16.01 2.89
N GLY B 84 28.18 17.05 2.71
CA GLY B 84 29.35 17.27 3.55
C GLY B 84 28.99 17.22 5.03
N THR B 85 27.94 17.93 5.41
CA THR B 85 27.49 17.91 6.81
C THR B 85 27.01 16.49 7.19
N ALA B 86 26.30 15.84 6.29
CA ALA B 86 25.80 14.47 6.54
C ALA B 86 26.95 13.49 6.84
N LEU B 87 28.05 13.58 6.09
CA LEU B 87 29.20 12.69 6.29
C LEU B 87 29.89 12.90 7.67
N ALA B 88 29.95 14.17 8.09
CA ALA B 88 30.51 14.57 9.38
C ALA B 88 29.71 14.02 10.53
N ILE B 89 28.38 14.04 10.38
CA ILE B 89 27.45 13.59 11.42
C ILE B 89 27.42 12.07 11.42
N ASN B 90 27.55 11.47 10.24
CA ASN B 90 27.70 10.03 10.14
C ASN B 90 28.85 9.54 11.01
N ASN B 91 29.98 10.24 11.02
CA ASN B 91 31.08 9.90 11.96
C ASN B 91 30.80 10.25 13.41
N LEU B 92 30.16 11.40 13.66
CA LEU B 92 29.85 11.78 15.03
C LEU B 92 28.95 10.78 15.73
N VAL B 93 27.92 10.26 15.05
CA VAL B 93 27.00 9.31 15.68
C VAL B 93 27.61 7.90 15.85
N LYS B 94 28.61 7.56 15.05
CA LYS B 94 29.39 6.35 15.30
C LYS B 94 30.18 6.50 16.63
N ASP B 95 30.91 7.60 16.79
CA ASP B 95 31.67 7.86 18.02
C ASP B 95 30.71 7.89 19.23
N LYS B 96 29.58 8.60 19.10
CA LYS B 96 28.61 8.75 20.21
C LYS B 96 27.58 7.64 20.38
N LYS B 97 27.50 6.70 19.42
CA LYS B 97 26.56 5.58 19.51
C LYS B 97 25.11 6.08 19.64
N LYS B 98 24.71 6.94 18.70
CA LYS B 98 23.35 7.48 18.60
C LYS B 98 22.88 7.21 17.15
N LEU B 99 21.57 7.21 16.89
CA LEU B 99 21.08 7.11 15.49
C LEU B 99 20.89 8.48 14.77
N ALA B 100 21.39 8.59 13.55
CA ALA B 100 21.07 9.75 12.71
C ALA B 100 20.36 9.26 11.45
N PHE B 101 19.16 9.78 11.22
CA PHE B 101 18.40 9.54 9.99
C PHE B 101 18.61 10.71 9.04
N ILE B 102 19.46 10.48 8.05
CA ILE B 102 19.79 11.50 7.07
C ILE B 102 18.69 11.47 6.01
N THR B 103 17.80 12.46 6.13
CA THR B 103 16.60 12.51 5.34
C THR B 103 16.59 13.72 4.42
N ALA B 104 17.66 14.51 4.42
CA ALA B 104 17.73 15.69 3.56
C ALA B 104 19.00 15.79 2.71
N ALA B 105 19.74 14.68 2.59
CA ALA B 105 20.96 14.59 1.75
C ALA B 105 21.06 13.22 1.08
N ALA B 106 21.68 13.19 -0.10
CA ALA B 106 21.66 12.00 -0.93
C ALA B 106 23.01 11.30 -1.09
N ALA B 107 24.04 11.76 -0.38
CA ALA B 107 25.38 11.15 -0.47
C ALA B 107 25.32 9.62 -0.36
N ASP B 108 25.89 8.92 -1.35
CA ASP B 108 25.83 7.45 -1.36
C ASP B 108 26.54 6.90 -0.12
N GLN B 109 27.56 7.61 0.32
CA GLN B 109 28.42 7.21 1.43
C GLN B 109 27.65 6.82 2.68
N ILE B 110 26.55 7.52 2.94
CA ILE B 110 25.68 7.22 4.05
C ILE B 110 24.98 5.90 3.70
N GLY B 111 25.29 4.87 4.47
CA GLY B 111 24.86 3.51 4.18
C GLY B 111 25.62 2.85 3.05
N GLY B 112 26.72 3.48 2.63
CA GLY B 112 27.62 3.04 1.53
C GLY B 112 29.04 2.82 2.05
N THR B 113 30.03 3.47 1.43
CA THR B 113 31.43 3.25 1.85
C THR B 113 31.70 3.61 3.34
N GLU B 114 30.97 4.61 3.85
N GLU B 114 30.96 4.58 3.87
CA GLU B 114 31.15 5.13 5.21
CA GLU B 114 31.15 5.10 5.21
C GLU B 114 30.09 4.59 6.18
C GLU B 114 30.06 4.62 6.15
N CYS B 115 29.59 3.40 5.93
CA CYS B 115 28.52 2.83 6.73
C CYS B 115 29.06 2.43 8.09
N ASN B 116 28.17 2.37 9.09
CA ASN B 116 28.64 2.15 10.45
C ASN B 116 27.64 1.62 11.49
N GLY B 117 26.37 1.41 11.11
CA GLY B 117 25.34 1.00 12.04
C GLY B 117 24.60 2.12 12.76
N TYR B 118 25.06 3.36 12.64
CA TYR B 118 24.43 4.49 13.36
C TYR B 118 23.90 5.59 12.43
N GLY B 119 24.64 5.87 11.37
CA GLY B 119 24.19 6.77 10.31
C GLY B 119 23.28 6.05 9.32
N ILE B 120 22.02 6.49 9.25
CA ILE B 120 21.01 5.83 8.42
C ILE B 120 20.57 6.77 7.28
N GLY B 121 20.58 6.24 6.06
CA GLY B 121 20.06 6.97 4.89
C GLY B 121 18.60 6.60 4.61
N PHE B 122 17.69 7.55 4.88
CA PHE B 122 16.24 7.34 4.83
C PHE B 122 15.50 8.31 3.87
N LEU B 123 16.24 8.89 2.90
CA LEU B 123 15.65 9.68 1.81
C LEU B 123 15.85 8.92 0.50
N TYR B 124 16.92 9.23 -0.22
CA TYR B 124 17.37 8.41 -1.38
C TYR B 124 18.86 8.73 -1.52
N ASN B 125 19.57 8.04 -2.42
CA ASN B 125 20.95 8.40 -2.71
C ASN B 125 21.15 8.80 -4.18
N PHE B 126 22.33 9.36 -4.51
CA PHE B 126 22.57 9.81 -5.89
C PHE B 126 22.44 8.67 -6.91
N THR B 127 22.97 7.50 -6.56
CA THR B 127 22.89 6.33 -7.40
C THR B 127 21.46 5.99 -7.76
N SER B 128 20.54 6.15 -6.80
CA SER B 128 19.15 5.81 -7.06
C SER B 128 18.47 6.81 -7.98
N ILE B 129 18.88 8.07 -7.92
CA ILE B 129 18.36 9.05 -8.85
C ILE B 129 18.78 8.68 -10.27
N VAL B 130 20.08 8.42 -10.42
CA VAL B 130 20.65 8.05 -11.74
C VAL B 130 19.95 6.82 -12.27
N LYS B 131 19.86 5.79 -11.45
CA LYS B 131 19.29 4.53 -11.88
C LYS B 131 17.81 4.71 -12.28
N THR B 132 17.05 5.48 -11.50
CA THR B 132 15.64 5.79 -11.83
C THR B 132 15.49 6.52 -13.16
N VAL B 133 16.30 7.55 -13.36
CA VAL B 133 16.19 8.37 -14.56
C VAL B 133 16.64 7.57 -15.80
N VAL B 134 17.77 6.87 -15.69
CA VAL B 134 18.27 6.00 -16.76
C VAL B 134 17.26 4.90 -17.15
N GLN B 135 16.72 4.17 -16.17
CA GLN B 135 15.82 3.10 -16.49
C GLN B 135 14.51 3.62 -17.09
N ALA B 136 13.93 4.64 -16.46
CA ALA B 136 12.68 5.23 -16.90
C ALA B 136 12.82 5.78 -18.30
N GLN B 137 13.87 6.53 -18.56
CA GLN B 137 14.07 7.12 -19.88
C GLN B 137 14.44 6.10 -20.95
N LEU B 138 15.23 5.09 -20.61
CA LEU B 138 15.55 4.03 -21.59
C LEU B 138 14.28 3.28 -21.98
N ALA B 139 13.36 3.12 -21.01
CA ALA B 139 12.10 2.44 -21.29
C ALA B 139 11.20 3.27 -22.17
N LYS B 140 11.43 4.57 -22.20
CA LYS B 140 10.64 5.46 -23.04
C LYS B 140 11.30 5.63 -24.43
N GLY B 141 12.44 4.98 -24.67
CA GLY B 141 13.11 5.01 -25.99
C GLY B 141 14.21 6.06 -26.15
N TYR B 142 14.57 6.72 -25.06
CA TYR B 142 15.67 7.69 -25.12
C TYR B 142 17.00 7.01 -24.88
N LYS B 143 17.64 6.54 -25.96
CA LYS B 143 18.91 5.80 -25.87
C LYS B 143 20.21 6.62 -25.98
N THR B 144 20.21 7.70 -26.77
CA THR B 144 21.45 8.50 -26.95
C THR B 144 21.36 9.74 -26.11
N TRP B 145 22.41 9.95 -25.31
CA TRP B 145 22.43 10.98 -24.29
C TRP B 145 23.64 11.91 -24.43
N PHE B 146 23.43 13.17 -24.07
CA PHE B 146 24.47 14.16 -24.05
C PHE B 146 24.37 14.76 -22.68
N LEU B 147 25.48 14.76 -21.94
CA LEU B 147 25.45 15.21 -20.56
C LEU B 147 25.94 16.64 -20.48
N MSE B 148 25.17 17.47 -19.80
CA MSE B 148 25.64 18.77 -19.32
C MSE B 148 25.96 18.70 -17.83
O MSE B 148 25.06 18.46 -17.00
CB MSE B 148 24.57 19.83 -19.58
CG MSE B 148 24.28 20.00 -21.08
SE MSE B 148 22.81 21.19 -21.57
CE MSE B 148 23.62 22.83 -21.27
N LEU B 149 27.23 18.92 -17.52
CA LEU B 149 27.77 18.70 -16.16
C LEU B 149 28.48 19.91 -15.56
N PRO B 150 28.16 20.21 -14.30
CA PRO B 150 29.02 21.15 -13.56
C PRO B 150 30.42 20.57 -13.37
N ASP B 151 31.42 21.45 -13.28
CA ASP B 151 32.79 20.99 -13.05
C ASP B 151 33.02 20.36 -11.71
N ALA B 152 32.23 20.74 -10.71
CA ALA B 152 32.50 20.32 -9.34
C ALA B 152 32.27 18.78 -9.11
N ALA B 153 32.55 18.33 -7.90
CA ALA B 153 32.45 16.92 -7.54
C ALA B 153 31.11 16.32 -7.94
N TYR B 154 30.02 17.08 -7.77
CA TYR B 154 28.71 16.62 -8.22
C TYR B 154 28.73 16.14 -9.67
N GLY B 155 29.37 16.90 -10.56
CA GLY B 155 29.47 16.54 -11.98
C GLY B 155 30.33 15.30 -12.22
N ASP B 156 31.39 15.13 -11.42
CA ASP B 156 32.25 13.93 -11.51
C ASP B 156 31.46 12.70 -11.11
N LEU B 157 30.73 12.84 -10.01
CA LEU B 157 29.91 11.77 -9.47
C LEU B 157 28.82 11.37 -10.49
N MSE B 158 28.15 12.36 -11.06
N MSE B 158 28.14 12.37 -11.02
CA MSE B 158 27.04 12.06 -11.95
CA MSE B 158 27.07 12.17 -11.99
C MSE B 158 27.53 11.51 -13.31
C MSE B 158 27.56 11.48 -13.27
O MSE B 158 26.92 10.56 -13.85
O MSE B 158 26.99 10.48 -13.72
CB MSE B 158 26.10 13.26 -12.08
CB MSE B 158 26.43 13.50 -12.35
CG MSE B 158 25.39 13.64 -10.76
CG MSE B 158 25.33 13.92 -11.39
SE MSE B 158 24.17 12.32 -9.89
SE MSE B 158 23.74 12.81 -11.60
CE MSE B 158 22.46 12.92 -10.55
CE MSE B 158 23.04 12.97 -9.79
N ASN B 159 28.63 12.04 -13.82
CA ASN B 159 29.24 11.53 -15.04
C ASN B 159 29.60 10.05 -14.94
N ALA B 160 30.30 9.69 -13.86
CA ALA B 160 30.73 8.32 -13.59
C ALA B 160 29.53 7.38 -13.52
N ALA B 161 28.55 7.77 -12.69
CA ALA B 161 27.34 6.97 -12.44
C ALA B 161 26.46 6.86 -13.69
N ILE B 162 26.15 7.98 -14.34
CA ILE B 162 25.40 7.96 -15.61
C ILE B 162 26.07 7.07 -16.65
N ARG B 163 27.37 7.23 -16.87
CA ARG B 163 28.10 6.39 -17.85
C ARG B 163 27.98 4.89 -17.57
N ARG B 164 28.22 4.48 -16.33
N ARG B 164 28.20 4.54 -16.31
CA ARG B 164 28.12 3.07 -15.94
CA ARG B 164 28.13 3.19 -15.76
C ARG B 164 26.69 2.56 -16.20
C ARG B 164 26.76 2.51 -15.93
N GLU B 165 25.70 3.27 -15.68
CA GLU B 165 24.30 2.79 -15.77
C GLU B 165 23.69 2.82 -17.18
N LEU B 166 23.99 3.86 -17.95
CA LEU B 166 23.46 3.93 -19.30
C LEU B 166 24.07 2.83 -20.18
N THR B 167 25.39 2.67 -20.05
CA THR B 167 26.10 1.61 -20.73
C THR B 167 25.53 0.27 -20.30
N ALA B 168 25.33 0.09 -18.99
CA ALA B 168 24.74 -1.13 -18.46
C ALA B 168 23.35 -1.42 -19.03
N GLY B 169 22.63 -0.38 -19.43
CA GLY B 169 21.28 -0.53 -19.99
C GLY B 169 21.15 -0.43 -21.49
N GLY B 170 22.24 -0.55 -22.23
CA GLY B 170 22.19 -0.47 -23.67
C GLY B 170 22.21 0.92 -24.29
N GLY B 171 22.26 1.97 -23.48
CA GLY B 171 22.28 3.34 -24.02
C GLY B 171 23.70 3.76 -24.39
N GLN B 172 23.83 4.95 -24.97
CA GLN B 172 25.11 5.46 -25.42
C GLN B 172 25.27 6.96 -25.11
N ILE B 173 26.37 7.31 -24.44
CA ILE B 173 26.78 8.70 -24.32
C ILE B 173 27.37 9.16 -25.65
N VAL B 174 26.74 10.16 -26.27
CA VAL B 174 27.24 10.64 -27.55
C VAL B 174 28.02 11.95 -27.40
N GLY B 175 28.08 12.45 -26.17
CA GLY B 175 28.88 13.61 -25.87
C GLY B 175 28.61 14.14 -24.49
N SER B 176 29.47 15.05 -24.08
N SER B 176 29.48 15.03 -24.06
CA SER B 176 29.34 15.67 -22.78
CA SER B 176 29.34 15.65 -22.76
C SER B 176 30.12 16.98 -22.76
C SER B 176 30.13 16.95 -22.74
N VAL B 177 29.68 17.89 -21.92
CA VAL B 177 30.37 19.13 -21.70
C VAL B 177 30.32 19.45 -20.22
N ARG B 178 31.40 20.07 -19.78
CA ARG B 178 31.56 20.46 -18.39
C ARG B 178 31.46 21.99 -18.42
N PHE B 179 30.59 22.58 -17.60
CA PHE B 179 30.48 24.03 -17.48
C PHE B 179 30.90 24.58 -16.09
N PRO B 180 31.61 25.72 -16.09
CA PRO B 180 32.09 26.35 -14.85
C PRO B 180 30.95 26.88 -13.98
N PHE B 181 31.24 27.02 -12.68
CA PHE B 181 30.22 27.44 -11.71
C PHE B 181 29.75 28.86 -12.04
N GLU B 182 28.47 29.11 -11.80
CA GLU B 182 27.90 30.40 -12.12
C GLU B 182 27.95 30.80 -13.63
N THR B 183 28.16 29.84 -14.54
CA THR B 183 27.86 30.03 -15.96
C THR B 183 26.47 30.58 -16.03
N GLN B 184 26.26 31.62 -16.82
CA GLN B 184 24.91 32.18 -17.05
C GLN B 184 24.44 31.98 -18.47
N ASP B 185 25.38 32.10 -19.39
CA ASP B 185 25.12 31.96 -20.80
C ASP B 185 25.44 30.52 -21.18
N PHE B 186 24.41 29.74 -21.46
CA PHE B 186 24.62 28.35 -21.83
C PHE B 186 24.64 28.08 -23.35
N SER B 187 24.70 29.13 -24.16
CA SER B 187 24.70 28.99 -25.63
C SER B 187 25.67 27.94 -26.16
N SER B 188 26.94 28.07 -25.80
CA SER B 188 27.95 27.16 -26.34
C SER B 188 27.63 25.71 -25.95
N TYR B 189 27.13 25.49 -24.75
CA TYR B 189 26.91 24.12 -24.29
C TYR B 189 25.66 23.51 -24.96
N LEU B 190 24.60 24.31 -25.04
CA LEU B 190 23.38 23.91 -25.77
C LEU B 190 23.66 23.68 -27.26
N LEU B 191 24.56 24.45 -27.87
CA LEU B 191 24.85 24.26 -29.31
C LEU B 191 25.55 22.91 -29.53
N GLN B 192 26.49 22.58 -28.64
CA GLN B 192 27.20 21.29 -28.70
C GLN B 192 26.24 20.15 -28.47
N ALA B 193 25.32 20.35 -27.53
CA ALA B 193 24.33 19.34 -27.17
C ALA B 193 23.41 19.08 -28.35
N LYS B 194 22.94 20.18 -28.94
CA LYS B 194 22.09 20.05 -30.10
C LYS B 194 22.86 19.38 -31.24
N ALA B 195 24.10 19.80 -31.52
CA ALA B 195 24.85 19.28 -32.68
C ALA B 195 25.18 17.81 -32.53
N SER B 196 25.19 17.31 -31.31
CA SER B 196 25.55 15.91 -31.06
C SER B 196 24.46 14.98 -31.59
N GLY B 197 23.26 15.54 -31.75
CA GLY B 197 22.11 14.78 -32.18
C GLY B 197 21.60 13.84 -31.11
N ALA B 198 21.96 14.04 -29.83
CA ALA B 198 21.48 13.16 -28.78
C ALA B 198 19.97 13.25 -28.69
N GLN B 199 19.29 12.11 -28.49
CA GLN B 199 17.86 12.06 -28.17
C GLN B 199 17.49 12.77 -26.86
N LEU B 200 18.35 12.61 -25.85
CA LEU B 200 18.10 13.25 -24.58
C LEU B 200 19.29 14.09 -24.16
N ILE B 201 19.04 15.38 -23.94
CA ILE B 201 20.06 16.33 -23.51
C ILE B 201 19.86 16.54 -22.01
N VAL B 202 20.78 16.03 -21.21
CA VAL B 202 20.50 15.91 -19.78
C VAL B 202 21.10 17.07 -19.04
N SER B 203 20.24 17.84 -18.39
CA SER B 203 20.70 18.92 -17.52
C SER B 203 20.80 18.29 -16.14
N THR B 204 22.02 18.03 -15.68
CA THR B 204 22.24 17.17 -14.50
C THR B 204 22.12 17.95 -13.23
N SER B 205 22.40 19.24 -13.25
CA SER B 205 22.24 19.99 -12.02
C SER B 205 20.82 20.57 -11.85
N GLY B 206 20.60 21.16 -10.68
CA GLY B 206 19.40 21.88 -10.35
C GLY B 206 19.71 23.34 -10.24
N GLY B 207 18.90 24.05 -9.45
CA GLY B 207 19.11 25.48 -9.23
C GLY B 207 19.08 26.37 -10.45
N ALA B 208 19.80 27.49 -10.35
CA ALA B 208 19.92 28.52 -11.37
C ALA B 208 20.41 27.93 -12.70
N ALA B 209 21.38 27.04 -12.61
CA ALA B 209 21.97 26.40 -13.78
C ALA B 209 20.85 25.74 -14.62
N ASN B 210 20.06 24.87 -13.98
CA ASN B 210 18.99 24.19 -14.65
C ASN B 210 17.88 25.12 -15.13
N ILE B 211 17.54 26.13 -14.33
CA ILE B 211 16.49 27.06 -14.67
C ILE B 211 16.91 27.81 -15.94
N ASN B 212 18.18 28.22 -16.02
CA ASN B 212 18.68 28.97 -17.18
C ASN B 212 18.88 28.07 -18.39
N ILE B 213 19.28 26.82 -18.17
CA ILE B 213 19.35 25.87 -19.28
C ILE B 213 17.96 25.70 -19.91
N MSE B 214 16.91 25.56 -19.08
CA MSE B 214 15.54 25.40 -19.60
C MSE B 214 14.99 26.66 -20.31
O MSE B 214 14.32 26.55 -21.32
CB MSE B 214 14.57 24.98 -18.50
CG MSE B 214 14.76 23.53 -18.00
SE MSE B 214 14.40 22.17 -19.32
CE MSE B 214 12.47 22.43 -19.53
N LYS B 215 15.26 27.84 -19.77
CA LYS B 215 14.83 29.05 -20.46
C LYS B 215 15.52 29.17 -21.83
N GLN B 216 16.83 28.90 -21.85
CA GLN B 216 17.63 29.11 -23.04
C GLN B 216 17.46 28.05 -24.11
N ALA B 217 17.17 26.83 -23.69
CA ALA B 217 16.83 25.70 -24.58
C ALA B 217 15.76 26.05 -25.63
N ARG B 218 14.75 26.82 -25.23
CA ARG B 218 13.69 27.23 -26.19
C ARG B 218 14.27 27.98 -27.39
N GLU B 219 15.26 28.83 -27.14
CA GLU B 219 15.89 29.61 -28.18
C GLU B 219 16.54 28.73 -29.27
N PHE B 220 16.84 27.46 -28.95
CA PHE B 220 17.48 26.52 -29.89
C PHE B 220 16.54 25.45 -30.44
N GLY B 221 15.25 25.68 -30.28
CA GLY B 221 14.23 24.77 -30.79
C GLY B 221 14.05 23.52 -29.96
N LEU B 222 14.47 23.57 -28.71
CA LEU B 222 14.36 22.41 -27.82
C LEU B 222 13.24 22.62 -26.83
N PRO B 223 12.43 21.58 -26.56
CA PRO B 223 12.52 20.23 -27.11
C PRO B 223 12.00 20.22 -28.55
N SER B 224 12.58 19.39 -29.39
CA SER B 224 12.23 19.32 -30.80
C SER B 224 11.51 17.98 -31.09
N LYS B 225 11.23 17.72 -32.35
CA LYS B 225 10.74 16.37 -32.73
C LYS B 225 11.80 15.29 -32.44
N THR B 226 13.08 15.64 -32.45
CA THR B 226 14.17 14.64 -32.31
C THR B 226 15.00 14.66 -31.00
N GLN B 227 14.84 15.67 -30.16
CA GLN B 227 15.66 15.84 -28.96
C GLN B 227 14.82 16.52 -27.87
N LYS B 228 14.91 16.01 -26.65
CA LYS B 228 14.40 16.75 -25.46
C LYS B 228 15.45 16.91 -24.36
N VAL B 229 15.18 17.91 -23.50
CA VAL B 229 15.96 18.20 -22.31
C VAL B 229 15.46 17.35 -21.13
N GLY B 230 16.35 16.56 -20.55
CA GLY B 230 16.04 15.81 -19.34
C GLY B 230 16.61 16.44 -18.08
N GLY B 231 16.16 15.96 -16.93
CA GLY B 231 16.61 16.41 -15.62
C GLY B 231 17.10 15.24 -14.76
N MSE B 232 17.57 15.56 -13.55
CA MSE B 232 17.95 14.53 -12.56
C MSE B 232 17.13 14.66 -11.26
O MSE B 232 16.28 13.81 -11.00
CB MSE B 232 19.44 14.57 -12.28
CG MSE B 232 20.29 13.98 -13.40
SE MSE B 232 20.14 12.08 -13.35
CE MSE B 232 20.18 11.76 -15.25
N ILE B 233 17.31 15.73 -10.50
CA ILE B 233 16.82 15.77 -9.13
C ILE B 233 15.52 16.58 -9.01
N ASP B 234 14.54 16.03 -8.31
CA ASP B 234 13.27 16.72 -8.04
C ASP B 234 13.51 17.79 -7.02
N ILE B 235 13.48 19.05 -7.48
CA ILE B 235 13.58 20.21 -6.59
C ILE B 235 12.31 21.05 -6.73
N LEU B 236 11.36 20.72 -5.89
CA LEU B 236 10.03 21.26 -5.99
C LEU B 236 10.00 22.78 -5.92
N THR B 237 10.86 23.36 -5.09
CA THR B 237 10.92 24.80 -4.95
C THR B 237 11.55 25.47 -6.19
N ASP B 238 12.33 24.74 -7.00
CA ASP B 238 12.83 25.27 -8.28
C ASP B 238 11.70 25.52 -9.28
N VAL B 239 10.71 24.62 -9.30
N VAL B 239 10.70 24.64 -9.31
CA VAL B 239 9.55 24.74 -10.19
CA VAL B 239 9.59 24.80 -10.23
C VAL B 239 8.67 25.87 -9.68
C VAL B 239 8.63 25.87 -9.68
N LYS B 240 8.52 25.97 -8.36
CA LYS B 240 7.78 27.08 -7.72
C LYS B 240 8.38 28.40 -8.15
N SER B 241 9.69 28.51 -7.97
CA SER B 241 10.44 29.69 -8.36
C SER B 241 10.34 30.01 -9.85
N ALA B 242 10.64 29.02 -10.69
CA ALA B 242 10.76 29.26 -12.13
C ALA B 242 9.40 29.26 -12.85
N GLY B 243 8.48 28.44 -12.38
CA GLY B 243 7.12 28.37 -12.98
C GLY B 243 7.03 27.33 -14.09
N LEU B 244 5.84 26.78 -14.30
CA LEU B 244 5.64 25.71 -15.29
C LEU B 244 5.87 26.14 -16.75
N ARG B 245 5.69 27.43 -17.07
CA ARG B 245 5.97 27.92 -18.45
C ARG B 245 7.39 27.56 -18.83
N VAL B 246 8.33 27.81 -17.91
CA VAL B 246 9.75 27.50 -18.13
C VAL B 246 10.03 26.01 -18.00
N MSE B 247 9.56 25.38 -16.90
CA MSE B 247 10.00 24.02 -16.58
C MSE B 247 9.20 22.89 -17.26
O MSE B 247 9.59 21.73 -17.16
CB MSE B 247 9.95 23.75 -15.07
CG MSE B 247 10.78 24.66 -14.18
SE MSE B 247 12.60 24.86 -14.79
CE MSE B 247 13.28 23.28 -14.09
N GLN B 248 8.09 23.23 -17.91
CA GLN B 248 7.20 22.20 -18.50
C GLN B 248 7.98 21.20 -19.33
N GLY B 249 7.61 19.93 -19.22
CA GLY B 249 8.24 18.85 -19.99
C GLY B 249 9.44 18.19 -19.33
N GLN B 250 10.20 18.93 -18.54
CA GLN B 250 11.39 18.34 -17.88
C GLN B 250 10.96 17.26 -16.86
N GLU B 251 11.71 16.16 -16.87
CA GLU B 251 11.52 15.05 -15.98
C GLU B 251 12.64 14.84 -14.95
N TYR B 252 12.23 14.48 -13.75
CA TYR B 252 13.12 14.20 -12.61
C TYR B 252 12.75 12.92 -11.87
N ALA B 253 13.73 12.39 -11.15
CA ALA B 253 13.58 11.24 -10.28
C ALA B 253 13.28 11.77 -8.88
N THR B 254 12.39 11.12 -8.14
CA THR B 254 12.03 11.56 -6.77
C THR B 254 11.55 10.39 -5.87
N SER B 255 11.59 10.60 -4.56
CA SER B 255 11.10 9.63 -3.59
C SER B 255 9.67 9.91 -3.09
N PHE B 256 9.14 11.08 -3.37
CA PHE B 256 7.83 11.45 -2.82
C PHE B 256 7.24 12.61 -3.58
N TYR B 257 5.95 12.55 -3.87
CA TYR B 257 5.23 13.74 -4.38
C TYR B 257 3.87 13.83 -3.73
N TRP B 258 3.51 15.03 -3.26
CA TRP B 258 2.31 15.18 -2.41
C TRP B 258 0.99 14.71 -3.04
N ASN B 259 0.86 14.90 -4.35
CA ASN B 259 -0.37 14.61 -5.08
C ASN B 259 -0.27 13.34 -5.86
N MSE B 260 0.57 12.45 -5.41
CA MSE B 260 0.66 11.11 -6.03
C MSE B 260 -0.63 10.29 -5.85
O MSE B 260 -1.13 9.74 -6.84
CB MSE B 260 1.89 10.31 -5.50
CG MSE B 260 2.11 9.02 -6.26
SE MSE B 260 3.72 8.02 -5.99
CE MSE B 260 3.31 7.05 -4.33
N ASP B 261 -1.15 10.17 -4.63
CA ASP B 261 -2.33 9.29 -4.38
C ASP B 261 -3.07 9.76 -3.12
N ASP B 262 -4.09 9.03 -2.70
CA ASP B 262 -4.93 9.51 -1.56
C ASP B 262 -4.14 9.56 -0.27
N ARG B 263 -3.14 8.70 -0.15
CA ARG B 263 -2.39 8.60 1.06
C ARG B 263 -1.38 9.73 1.14
N THR B 264 -0.73 10.09 0.02
CA THR B 264 0.17 11.25 0.03
C THR B 264 -0.65 12.53 0.30
N ARG B 265 -1.81 12.64 -0.32
CA ARG B 265 -2.75 13.79 -0.11
C ARG B 265 -3.23 13.91 1.32
N ALA B 266 -3.61 12.79 1.97
CA ALA B 266 -4.02 12.85 3.38
C ALA B 266 -2.88 13.36 4.29
N PHE B 267 -1.67 12.84 4.08
CA PHE B 267 -0.47 13.35 4.78
C PHE B 267 -0.20 14.84 4.47
N ALA B 268 -0.33 15.21 3.19
CA ALA B 268 -0.10 16.58 2.77
C ALA B 268 -1.14 17.54 3.39
N LYS B 269 -2.35 17.05 3.56
CA LYS B 269 -3.44 17.86 4.13
C LYS B 269 -3.15 18.23 5.58
N ARG B 270 -2.69 17.26 6.37
CA ARG B 270 -2.29 17.49 7.76
C ARG B 270 -1.08 18.42 7.81
N PHE B 271 -0.18 18.24 6.84
CA PHE B 271 1.02 19.07 6.72
C PHE B 271 0.65 20.50 6.36
N TYR B 272 -0.26 20.68 5.41
CA TYR B 272 -0.75 22.00 5.05
C TYR B 272 -1.39 22.74 6.24
N ALA B 273 -2.12 22.01 7.08
CA ALA B 273 -2.74 22.58 8.29
C ALA B 273 -1.71 23.28 9.17
N LYS B 274 -0.53 22.70 9.23
CA LYS B 274 0.59 23.22 9.99
C LYS B 274 1.43 24.28 9.24
N MSE B 275 1.69 24.05 7.95
CA MSE B 275 2.67 24.87 7.21
C MSE B 275 2.12 25.81 6.11
O MSE B 275 2.83 26.69 5.64
CB MSE B 275 3.74 23.96 6.59
CG MSE B 275 4.60 23.19 7.64
SE MSE B 275 5.51 24.39 8.90
CE MSE B 275 6.54 25.41 7.63
N GLY B 276 0.88 25.61 5.67
CA GLY B 276 0.37 26.38 4.52
C GLY B 276 1.12 26.15 3.22
N LYS B 277 1.81 25.02 3.13
CA LYS B 277 2.35 24.54 1.88
C LYS B 277 2.39 23.03 1.87
N MSE B 278 2.58 22.48 0.68
CA MSE B 278 2.73 21.04 0.49
C MSE B 278 4.13 20.58 0.88
O MSE B 278 5.09 21.30 0.66
CB MSE B 278 2.45 20.69 -0.96
CG MSE B 278 1.06 21.03 -1.42
SE MSE B 278 -0.35 20.28 -0.31
CE MSE B 278 -1.88 21.01 -1.26
N PRO B 279 4.26 19.39 1.45
CA PRO B 279 5.58 18.90 1.81
C PRO B 279 6.43 18.47 0.63
N THR B 280 7.75 18.66 0.79
CA THR B 280 8.72 18.19 -0.16
C THR B 280 9.17 16.78 0.19
N ASN B 281 9.92 16.18 -0.72
CA ASN B 281 10.45 14.86 -0.47
C ASN B 281 11.32 14.75 0.79
N ASN B 282 12.16 15.77 1.05
N ASN B 282 12.15 15.76 1.10
CA ASN B 282 13.03 15.83 2.24
CA ASN B 282 13.00 15.66 2.32
C ASN B 282 12.18 15.79 3.50
C ASN B 282 12.14 15.76 3.56
N GLN B 283 11.16 16.64 3.54
CA GLN B 283 10.26 16.78 4.69
C GLN B 283 9.43 15.51 4.90
N ALA B 284 8.91 14.97 3.81
CA ALA B 284 8.18 13.69 3.89
C ALA B 284 9.13 12.59 4.46
N GLY B 285 10.39 12.62 4.06
CA GLY B 285 11.37 11.66 4.53
C GLY B 285 11.59 11.76 6.05
N GLY B 286 11.63 13.00 6.56
CA GLY B 286 11.66 13.24 8.02
C GLY B 286 10.50 12.55 8.72
N TYR B 287 9.28 12.76 8.19
CA TYR B 287 8.08 12.16 8.79
C TYR B 287 8.25 10.63 8.88
N SER B 288 8.63 10.02 7.78
CA SER B 288 8.69 8.52 7.71
C SER B 288 9.80 7.99 8.62
N ALA B 289 10.97 8.63 8.61
CA ALA B 289 12.05 8.24 9.52
C ALA B 289 11.61 8.32 11.00
N ALA B 290 11.01 9.43 11.40
CA ALA B 290 10.54 9.63 12.76
C ALA B 290 9.48 8.62 13.17
N LEU B 291 8.54 8.40 12.27
CA LEU B 291 7.42 7.49 12.51
C LEU B 291 7.97 6.10 12.73
N GLN B 292 8.79 5.65 11.80
CA GLN B 292 9.35 4.30 11.92
C GLN B 292 10.26 4.16 13.14
N TYR B 293 11.03 5.21 13.46
CA TYR B 293 11.87 5.15 14.63
C TYR B 293 11.02 5.00 15.92
N LEU B 294 10.03 5.87 16.08
CA LEU B 294 9.13 5.81 17.26
C LEU B 294 8.34 4.51 17.35
N LYS B 295 7.88 4.03 16.20
CA LYS B 295 7.18 2.77 16.16
C LYS B 295 8.08 1.61 16.64
N ALA B 296 9.36 1.64 16.27
CA ALA B 296 10.28 0.57 16.67
C ALA B 296 10.54 0.58 18.19
N VAL B 297 10.90 1.76 18.69
CA VAL B 297 11.06 1.98 20.14
C VAL B 297 9.86 1.36 20.89
N ASN B 298 8.66 1.74 20.49
CA ASN B 298 7.46 1.24 21.16
C ASN B 298 7.23 -0.28 21.03
N ALA B 299 7.51 -0.83 19.85
CA ALA B 299 7.42 -2.27 19.60
C ALA B 299 8.35 -3.09 20.51
N ILE B 300 9.65 -2.75 20.52
CA ILE B 300 10.64 -3.50 21.31
C ILE B 300 10.77 -3.00 22.75
N GLY B 301 10.06 -1.93 23.09
CA GLY B 301 10.08 -1.37 24.43
C GLY B 301 11.45 -0.88 24.83
N SER B 302 12.28 -0.44 23.87
CA SER B 302 13.67 -0.02 24.17
C SER B 302 14.11 1.10 23.21
N LYS B 303 14.85 2.07 23.75
CA LYS B 303 15.48 3.08 22.90
C LYS B 303 16.99 2.84 22.66
N ASP B 304 17.47 1.66 23.01
CA ASP B 304 18.85 1.23 22.70
C ASP B 304 19.02 1.29 21.19
N PRO B 305 19.99 2.08 20.70
CA PRO B 305 20.15 2.27 19.26
C PRO B 305 20.59 1.02 18.50
N GLN B 306 21.40 0.17 19.11
CA GLN B 306 21.77 -1.08 18.47
C GLN B 306 20.54 -1.98 18.32
N LYS B 307 19.64 -1.96 19.31
CA LYS B 307 18.39 -2.77 19.24
C LYS B 307 17.35 -2.21 18.26
N VAL B 308 17.24 -0.88 18.20
CA VAL B 308 16.34 -0.22 17.26
C VAL B 308 16.78 -0.47 15.82
N PHE B 309 18.09 -0.42 15.56
CA PHE B 309 18.61 -0.63 14.20
C PHE B 309 18.41 -2.09 13.76
N ALA B 310 18.73 -3.04 14.63
CA ALA B 310 18.41 -4.47 14.35
C ALA B 310 16.93 -4.68 13.95
N TYR B 311 16.03 -4.09 14.74
CA TYR B 311 14.59 -4.25 14.56
C TYR B 311 14.16 -3.58 13.24
N LEU B 312 14.64 -2.36 13.00
CA LEU B 312 14.31 -1.64 11.77
C LEU B 312 14.69 -2.44 10.53
N LYS B 313 15.77 -3.22 10.64
CA LYS B 313 16.20 -4.08 9.53
C LYS B 313 15.26 -5.26 9.26
N THR B 314 14.24 -5.47 10.10
CA THR B 314 13.31 -6.61 9.95
C THR B 314 11.94 -6.21 9.40
N ILE B 315 11.69 -4.92 9.29
CA ILE B 315 10.37 -4.39 8.96
C ILE B 315 10.24 -4.05 7.48
N LYS B 316 9.09 -4.35 6.87
CA LYS B 316 8.79 -3.79 5.54
C LYS B 316 8.04 -2.49 5.70
N PHE B 317 8.64 -1.39 5.27
CA PHE B 317 8.00 -0.07 5.47
C PHE B 317 6.98 0.33 4.42
N ASP B 318 5.75 0.57 4.91
N ASP B 318 5.75 0.66 4.83
CA ASP B 318 4.59 1.01 4.16
CA ASP B 318 4.72 1.14 3.89
C ASP B 318 3.92 2.12 4.95
C ASP B 318 3.78 2.16 4.54
N ASP B 319 4.33 3.35 4.72
CA ASP B 319 3.60 4.46 5.31
C ASP B 319 3.16 5.44 4.19
N ALA B 320 2.63 6.59 4.58
CA ALA B 320 2.23 7.60 3.62
C ALA B 320 3.35 8.03 2.63
N VAL B 321 4.60 7.94 3.08
CA VAL B 321 5.73 8.46 2.29
C VAL B 321 6.59 7.34 1.68
N THR B 322 6.99 6.40 2.54
CA THR B 322 7.93 5.33 2.18
C THR B 322 7.16 4.13 1.70
N ARG B 323 7.33 3.80 0.43
CA ARG B 323 6.65 2.67 -0.22
C ARG B 323 7.64 1.57 -0.57
N HIS B 324 7.29 0.34 -0.20
CA HIS B 324 8.16 -0.86 -0.43
C HIS B 324 9.56 -0.66 0.12
N GLY B 325 9.64 -0.08 1.31
CA GLY B 325 10.90 0.20 1.93
C GLY B 325 11.43 -0.99 2.71
N THR B 326 12.75 -1.09 2.73
CA THR B 326 13.44 -1.96 3.66
C THR B 326 14.79 -1.28 3.99
N LEU B 327 15.36 -1.59 5.16
CA LEU B 327 16.65 -1.01 5.59
C LEU B 327 17.75 -2.02 5.38
N ARG B 328 18.69 -1.72 4.48
CA ARG B 328 19.77 -2.61 4.12
C ARG B 328 20.70 -2.81 5.33
N PRO B 329 21.49 -3.90 5.36
CA PRO B 329 22.33 -4.08 6.56
C PRO B 329 23.29 -2.92 6.88
N GLY B 330 23.72 -2.17 5.86
CA GLY B 330 24.59 -1.01 6.04
C GLY B 330 23.88 0.27 6.45
N GLY B 331 22.55 0.21 6.59
CA GLY B 331 21.72 1.38 6.94
C GLY B 331 21.19 2.25 5.79
N ARG B 332 21.23 1.75 4.54
CA ARG B 332 20.61 2.49 3.39
C ARG B 332 19.16 2.00 3.20
N LEU B 333 18.20 2.93 3.25
CA LEU B 333 16.80 2.64 2.87
C LEU B 333 16.72 2.48 1.38
N VAL B 334 16.21 1.33 0.94
CA VAL B 334 15.83 1.12 -0.48
C VAL B 334 14.28 1.13 -0.56
N ARG B 335 13.72 1.70 -1.64
CA ARG B 335 12.29 2.07 -1.69
C ARG B 335 11.90 2.29 -3.13
N ASP B 336 10.60 2.32 -3.43
CA ASP B 336 10.14 2.68 -4.78
C ASP B 336 10.63 4.10 -5.07
N MSE B 337 11.06 4.33 -6.31
CA MSE B 337 11.39 5.67 -6.78
C MSE B 337 10.52 6.02 -8.00
O MSE B 337 9.91 5.14 -8.61
CB MSE B 337 12.88 5.77 -7.10
CG MSE B 337 13.79 5.53 -5.94
SE MSE B 337 13.71 6.93 -4.62
CE MSE B 337 14.67 8.34 -5.58
N TYR B 338 10.37 7.31 -8.29
CA TYR B 338 9.43 7.82 -9.28
C TYR B 338 10.07 8.79 -10.22
N LEU B 339 9.61 8.73 -11.46
CA LEU B 339 9.87 9.80 -12.41
C LEU B 339 8.65 10.71 -12.47
N VAL B 340 8.90 12.00 -12.35
CA VAL B 340 7.84 13.00 -12.37
C VAL B 340 8.09 13.97 -13.52
N ARG B 341 7.03 14.37 -14.18
CA ARG B 341 7.10 15.32 -15.30
C ARG B 341 6.42 16.62 -14.97
N ALA B 342 7.14 17.71 -15.18
CA ALA B 342 6.61 19.03 -14.96
C ALA B 342 5.47 19.22 -15.95
N LYS B 343 4.31 19.65 -15.46
CA LYS B 343 3.09 19.83 -16.26
C LYS B 343 3.15 21.09 -17.13
N LYS B 344 2.29 21.15 -18.15
CA LYS B 344 2.06 22.37 -18.92
C LYS B 344 1.34 23.36 -17.99
N PRO B 345 1.66 24.68 -18.09
CA PRO B 345 1.03 25.60 -17.14
C PRO B 345 -0.50 25.65 -17.20
N GLU B 346 -1.08 25.36 -18.37
N GLU B 346 -1.07 25.36 -18.38
CA GLU B 346 -2.52 25.44 -18.55
CA GLU B 346 -2.53 25.40 -18.60
C GLU B 346 -3.26 24.28 -17.86
C GLU B 346 -3.26 24.29 -17.83
N ASP B 347 -2.53 23.23 -17.50
CA ASP B 347 -3.07 22.11 -16.72
C ASP B 347 -2.94 22.29 -15.20
N GLN B 348 -2.28 23.36 -14.76
CA GLN B 348 -2.14 23.60 -13.32
C GLN B 348 -3.52 23.97 -12.76
N LYS B 349 -4.01 23.14 -11.85
CA LYS B 349 -5.22 23.44 -11.09
C LYS B 349 -4.78 23.56 -9.64
N GLY B 350 -4.32 24.75 -9.26
CA GLY B 350 -3.94 25.01 -7.86
C GLY B 350 -2.46 25.22 -7.58
N ASP B 351 -2.17 25.86 -6.45
CA ASP B 351 -0.79 25.96 -5.98
C ASP B 351 -0.23 24.52 -5.79
N TRP B 352 1.06 24.39 -6.04
CA TRP B 352 1.77 23.13 -5.81
C TRP B 352 1.41 21.98 -6.78
N ASP B 353 0.47 22.22 -7.70
CA ASP B 353 0.09 21.21 -8.68
C ASP B 353 1.04 21.19 -9.88
N TYR B 354 2.20 20.55 -9.72
CA TYR B 354 3.30 20.72 -10.69
C TYR B 354 3.67 19.49 -11.51
N TYR B 355 3.32 18.31 -11.02
CA TYR B 355 3.86 17.09 -11.57
C TYR B 355 2.76 16.12 -11.84
N ASP B 356 3.08 15.25 -12.80
CA ASP B 356 2.43 13.98 -12.93
C ASP B 356 3.54 12.95 -12.73
N VAL B 357 3.23 11.91 -11.93
CA VAL B 357 4.09 10.76 -11.78
C VAL B 357 3.92 9.93 -13.03
N VAL B 358 5.00 9.72 -13.76
CA VAL B 358 4.94 9.03 -15.06
C VAL B 358 5.71 7.70 -15.13
N ALA B 359 6.39 7.34 -14.06
CA ALA B 359 7.07 6.05 -13.98
C ALA B 359 7.32 5.72 -12.51
N THR B 360 7.26 4.45 -12.20
CA THR B 360 7.60 3.96 -10.84
C THR B 360 8.65 2.88 -11.03
N ILE B 361 9.77 2.99 -10.34
CA ILE B 361 10.87 2.01 -10.36
C ILE B 361 11.00 1.34 -8.95
N GLY B 362 11.10 0.04 -8.92
CA GLY B 362 11.07 -0.76 -7.70
C GLY B 362 12.35 -0.63 -6.95
N PRO B 363 12.35 -1.00 -5.66
CA PRO B 363 13.54 -0.74 -4.85
C PRO B 363 14.87 -1.37 -5.35
N GLU B 364 14.84 -2.62 -5.80
CA GLU B 364 16.06 -3.32 -6.20
C GLU B 364 16.64 -2.73 -7.47
N GLN B 365 15.75 -2.33 -8.39
N GLN B 365 15.79 -2.30 -8.39
CA GLN B 365 16.11 -1.64 -9.63
CA GLN B 365 16.26 -1.68 -9.64
C GLN B 365 16.67 -0.26 -9.36
C GLN B 365 16.67 -0.22 -9.41
N ALA B 366 15.95 0.50 -8.53
CA ALA B 366 16.30 1.86 -8.20
C ALA B 366 17.58 1.96 -7.40
N PHE B 367 17.88 1.01 -6.51
CA PHE B 367 19.08 1.13 -5.66
C PHE B 367 20.19 0.14 -6.03
N GLY B 368 19.89 -0.81 -6.90
CA GLY B 368 20.84 -1.85 -7.30
C GLY B 368 20.87 -2.99 -6.32
N PRO B 369 21.31 -4.17 -6.77
CA PRO B 369 21.37 -5.30 -5.84
C PRO B 369 22.31 -5.04 -4.68
N LEU B 370 22.10 -5.78 -3.58
CA LEU B 370 22.99 -5.76 -2.43
C LEU B 370 24.44 -5.98 -2.82
N SER B 371 24.70 -7.01 -3.63
CA SER B 371 26.06 -7.36 -4.10
C SER B 371 26.79 -6.23 -4.82
N GLU B 372 26.08 -5.14 -5.10
CA GLU B 372 26.60 -3.99 -5.82
C GLU B 372 26.81 -2.82 -4.86
N SER B 373 26.51 -3.06 -3.60
CA SER B 373 26.66 -2.08 -2.55
C SER B 373 28.15 -1.86 -2.26
N ARG B 374 28.48 -0.64 -1.88
CA ARG B 374 29.83 -0.30 -1.50
C ARG B 374 30.00 -0.28 0.02
N CYS B 375 29.05 -0.82 0.77
CA CYS B 375 29.20 -0.98 2.22
C CYS B 375 29.70 -2.39 2.51
N ALA B 376 30.74 -2.51 3.36
CA ALA B 376 31.26 -3.82 3.81
C ALA B 376 30.25 -4.61 4.65
N MSE B 377 29.35 -3.91 5.34
CA MSE B 377 28.28 -4.54 6.15
C MSE B 377 27.23 -5.27 5.27
O MSE B 377 26.60 -6.23 5.71
CB MSE B 377 27.58 -3.50 7.06
CG MSE B 377 28.55 -2.61 7.86
SE MSE B 377 27.74 -1.29 9.08
CE MSE B 377 29.20 -1.29 10.40
N ASP B 378 27.03 -4.77 4.04
CA ASP B 378 26.15 -5.40 3.04
C ASP B 378 26.80 -6.60 2.35
N LYS B 379 28.08 -6.85 2.68
CA LYS B 379 28.91 -7.86 2.00
C LYS B 379 28.42 -9.29 2.21
NI NI C . 3.28 -3.79 -3.15
#